data_6UVX
#
_entry.id   6UVX
#
_cell.length_a   46.082
_cell.length_b   73.789
_cell.length_c   91.466
_cell.angle_alpha   90.000
_cell.angle_beta   94.980
_cell.angle_gamma   90.000
#
_symmetry.space_group_name_H-M   'P 1 21 1'
#
loop_
_entity.id
_entity.type
_entity.pdbx_description
1 polymer 'Phosphoenolpyruvate transferase'
2 non-polymer 'CALCIUM ION'
3 water water
#
_entity_poly.entity_id   1
_entity_poly.type   'polypeptide(L)'
_entity_poly.pdbx_seq_one_letter_code
;MKITVLVGGVGGARFLLGVQNLLGLGSFADGPSKHELTAVVNIGDDAWMHGVRICPDLDTCMYTLGGGIDPDRGWGHRNE
TWNAKEELAAYGVQPDWFGLGDRDLATHLVRSQMLRAGYPLSQVTEALCKRWQPGARLLPASDERSETHVVITDPTDGER
RAIHFQEWWVRYRAKVPTHSFAYVGADQATAGPGVVEAIGDADIVLLAPSNPVVSIGPILQIPGIRGALRSTSAPVIGYS
PIIAGKPLRGMADECLKVIGVESTSQAVGEFFGARAGTGLLDGWLVHEGDHAQIEGVKVKAVPLLMTDPEATAAMVRAGL
DLAGVSL
;
_entity_poly.pdbx_strand_id   B,A
#
# COMPACT_ATOMS: atom_id res chain seq x y z
N MET A 1 -1.59 2.04 40.45
CA MET A 1 -0.46 1.95 39.55
C MET A 1 -0.92 2.01 38.10
N LYS A 2 -2.16 2.49 37.90
CA LYS A 2 -2.83 2.49 36.61
C LYS A 2 -3.41 3.86 36.30
N ILE A 3 -2.93 4.50 35.24
CA ILE A 3 -3.44 5.80 34.79
C ILE A 3 -3.97 5.69 33.36
N THR A 4 -5.10 6.33 33.09
CA THR A 4 -5.76 6.31 31.79
C THR A 4 -5.91 7.73 31.26
N VAL A 5 -5.51 7.94 30.00
CA VAL A 5 -5.58 9.26 29.36
C VAL A 5 -6.38 9.18 28.07
N LEU A 6 -7.33 10.09 27.90
CA LEU A 6 -8.00 10.30 26.63
C LEU A 6 -7.17 11.23 25.75
N VAL A 7 -6.88 10.83 24.50
CA VAL A 7 -5.93 11.57 23.69
C VAL A 7 -6.39 11.74 22.25
N GLY A 8 -5.90 12.82 21.65
CA GLY A 8 -5.96 13.03 20.21
C GLY A 8 -4.90 14.05 19.83
N GLY A 9 -4.42 13.97 18.60
CA GLY A 9 -3.53 14.99 18.10
C GLY A 9 -2.09 14.92 18.64
N VAL A 10 -1.28 15.86 18.15
CA VAL A 10 0.11 15.92 18.57
C VAL A 10 0.22 16.16 20.06
N GLY A 11 -0.65 17.01 20.62
CA GLY A 11 -0.60 17.32 22.04
C GLY A 11 -0.89 16.12 22.91
N GLY A 12 -1.83 15.27 22.49
CA GLY A 12 -2.10 14.06 23.24
C GLY A 12 -0.88 13.17 23.34
N ALA A 13 -0.16 13.02 22.22
CA ALA A 13 1.04 12.21 22.24
C ALA A 13 2.09 12.84 23.17
N ARG A 14 2.19 14.16 23.15
CA ARG A 14 3.20 14.85 23.93
C ARG A 14 2.84 14.89 25.40
N PHE A 15 1.54 14.83 25.71
CA PHE A 15 1.09 14.66 27.08
C PHE A 15 1.42 13.26 27.60
N LEU A 16 1.21 12.26 26.75
CA LEU A 16 1.58 10.89 27.11
C LEU A 16 3.08 10.77 27.43
N LEU A 17 3.93 11.48 26.68
CA LEU A 17 5.35 11.48 27.00
C LEU A 17 5.58 12.00 28.41
N GLY A 18 4.86 13.05 28.79
CA GLY A 18 5.00 13.59 30.13
C GLY A 18 4.60 12.59 31.21
N VAL A 19 3.51 11.86 30.99
CA VAL A 19 3.14 10.78 31.90
C VAL A 19 4.27 9.74 31.98
N GLN A 20 4.83 9.38 30.83
CA GLN A 20 5.89 8.36 30.81
C GLN A 20 7.13 8.82 31.57
N ASN A 21 7.50 10.09 31.42
CA ASN A 21 8.66 10.61 32.10
C ASN A 21 8.42 10.67 33.61
N LEU A 22 7.18 10.96 34.01
CA LEU A 22 6.87 11.01 35.43
C LEU A 22 6.96 9.64 36.07
N LEU A 23 6.49 8.60 35.38
CA LEU A 23 6.42 7.28 35.95
C LEU A 23 7.58 6.37 35.50
N GLY A 24 8.56 6.92 34.78
CA GLY A 24 9.65 6.10 34.30
C GLY A 24 9.22 5.00 33.35
N LEU A 25 8.41 5.35 32.34
CA LEU A 25 7.91 4.40 31.36
C LEU A 25 8.47 4.67 29.97
N GLY A 26 8.40 3.66 29.11
CA GLY A 26 8.86 3.81 27.74
C GLY A 26 10.33 4.15 27.65
N SER A 27 10.67 5.12 26.80
CA SER A 27 12.05 5.52 26.64
C SER A 27 12.66 5.99 27.95
N PHE A 28 11.82 6.43 28.89
CA PHE A 28 12.25 6.93 30.18
C PHE A 28 12.37 5.84 31.24
N ALA A 29 12.34 4.57 30.85
CA ALA A 29 12.49 3.52 31.85
C ALA A 29 13.89 3.54 32.43
N ASP A 30 13.99 3.46 33.76
CA ASP A 30 15.25 3.17 34.46
C ASP A 30 14.90 2.21 35.59
N GLY A 31 14.89 0.92 35.31
CA GLY A 31 14.62 0.00 36.37
C GLY A 31 13.20 -0.50 36.25
N PRO A 32 12.83 -1.41 37.14
CA PRO A 32 11.53 -2.10 37.02
C PRO A 32 10.35 -1.14 36.96
N SER A 33 9.36 -1.50 36.16
CA SER A 33 8.20 -0.65 35.93
C SER A 33 7.20 -0.82 37.06
N LYS A 34 6.79 0.28 37.68
CA LYS A 34 5.81 0.20 38.76
C LYS A 34 4.44 0.77 38.36
N HIS A 35 4.24 1.10 37.10
CA HIS A 35 3.04 1.78 36.66
C HIS A 35 2.75 1.35 35.23
N GLU A 36 1.46 1.21 34.90
CA GLU A 36 1.05 0.94 33.54
C GLU A 36 0.17 2.08 33.04
N LEU A 37 0.46 2.57 31.84
CA LEU A 37 -0.21 3.70 31.24
C LEU A 37 -1.09 3.21 30.09
N THR A 38 -2.34 3.64 30.07
CA THR A 38 -3.31 3.28 29.03
C THR A 38 -3.80 4.56 28.38
N ALA A 39 -3.73 4.61 27.07
CA ALA A 39 -4.26 5.72 26.29
C ALA A 39 -5.52 5.23 25.58
N VAL A 40 -6.59 6.01 25.65
CA VAL A 40 -7.79 5.85 24.81
C VAL A 40 -7.71 6.89 23.70
N VAL A 41 -7.54 6.44 22.45
CA VAL A 41 -7.08 7.28 21.36
C VAL A 41 -8.23 7.58 20.40
N ASN A 42 -8.42 8.86 20.10
CA ASN A 42 -9.43 9.27 19.13
C ASN A 42 -9.28 8.50 17.83
N ILE A 43 -10.40 7.98 17.33
CA ILE A 43 -10.49 7.38 16.01
C ILE A 43 -11.30 8.23 15.03
N GLY A 44 -11.71 9.43 15.45
CA GLY A 44 -12.62 10.23 14.65
C GLY A 44 -12.03 10.71 13.33
N ASP A 45 -10.72 10.81 13.24
CA ASP A 45 -10.09 11.31 12.02
C ASP A 45 -9.65 10.18 11.09
N ASP A 46 -9.91 8.94 11.45
CA ASP A 46 -9.45 7.86 10.60
C ASP A 46 -10.19 7.90 9.27
N ALA A 47 -9.47 7.54 8.20
CA ALA A 47 -10.06 7.55 6.87
C ALA A 47 -9.35 6.53 6.02
N TRP A 48 -10.08 6.04 5.01
CA TRP A 48 -9.52 5.29 3.90
C TRP A 48 -9.06 6.28 2.84
N MET A 49 -7.82 6.17 2.42
CA MET A 49 -7.22 7.05 1.42
C MET A 49 -6.40 6.19 0.50
N HIS A 50 -6.67 6.26 -0.80
CA HIS A 50 -5.95 5.44 -1.77
C HIS A 50 -6.08 3.97 -1.46
N GLY A 51 -7.20 3.59 -0.85
CA GLY A 51 -7.37 2.20 -0.52
C GLY A 51 -6.53 1.71 0.64
N VAL A 52 -6.03 2.60 1.49
CA VAL A 52 -5.36 2.17 2.73
C VAL A 52 -5.91 2.97 3.89
N ARG A 53 -5.97 2.33 5.06
CA ARG A 53 -6.60 2.92 6.24
C ARG A 53 -5.62 3.79 7.01
N ILE A 54 -5.97 5.06 7.19
CA ILE A 54 -5.12 6.01 7.88
C ILE A 54 -5.72 6.25 9.26
N CYS A 55 -4.92 5.99 10.32
CA CYS A 55 -5.32 6.24 11.71
C CYS A 55 -4.34 7.23 12.32
N PRO A 56 -4.57 8.51 12.14
CA PRO A 56 -3.54 9.51 12.48
C PRO A 56 -3.24 9.63 13.97
N ASP A 57 -4.28 9.65 14.82
CA ASP A 57 -4.03 9.85 16.24
C ASP A 57 -3.33 8.65 16.87
N LEU A 58 -3.71 7.44 16.48
CA LEU A 58 -2.99 6.25 16.93
C LEU A 58 -1.54 6.30 16.45
N ASP A 59 -1.33 6.58 15.16
CA ASP A 59 0.03 6.59 14.62
C ASP A 59 0.88 7.65 15.30
N THR A 60 0.30 8.82 15.51
CA THR A 60 1.02 9.91 16.20
C THR A 60 1.48 9.41 17.58
N CYS A 61 0.61 8.77 18.35
CA CYS A 61 1.04 8.26 19.64
C CYS A 61 2.08 7.18 19.50
N MET A 62 1.91 6.31 18.50
CA MET A 62 2.83 5.20 18.32
C MET A 62 4.20 5.71 17.90
N TYR A 63 4.23 6.63 16.94
CA TYR A 63 5.51 7.19 16.44
C TYR A 63 6.21 7.99 17.53
N THR A 64 5.47 8.86 18.22
CA THR A 64 6.02 9.71 19.29
C THR A 64 6.63 8.90 20.43
N LEU A 65 5.86 7.98 21.02
CA LEU A 65 6.39 7.22 22.15
C LEU A 65 7.47 6.23 21.73
N GLY A 66 7.50 5.83 20.45
CA GLY A 66 8.51 4.97 19.88
C GLY A 66 9.73 5.66 19.27
N GLY A 67 9.79 6.97 19.38
CA GLY A 67 10.94 7.77 18.91
C GLY A 67 11.04 7.98 17.42
N GLY A 68 9.98 7.72 16.65
CA GLY A 68 10.02 7.89 15.18
C GLY A 68 9.31 9.13 14.66
N ILE A 69 8.79 9.98 15.53
CA ILE A 69 7.98 11.18 15.13
C ILE A 69 8.85 12.29 14.53
N ASP A 70 8.23 13.16 13.71
CA ASP A 70 8.88 14.33 13.03
C ASP A 70 8.78 15.58 13.90
N PRO A 71 9.89 15.99 14.56
CA PRO A 71 9.88 17.15 15.46
C PRO A 71 9.41 18.44 14.76
N ASP A 72 9.74 18.59 13.48
CA ASP A 72 9.32 19.79 12.78
C ASP A 72 7.80 19.81 12.61
N ARG A 73 7.20 18.80 11.94
CA ARG A 73 5.75 18.91 11.79
C ARG A 73 5.00 18.30 12.96
N GLY A 74 5.56 17.31 13.66
CA GLY A 74 4.81 16.70 14.78
C GLY A 74 3.94 15.51 14.33
N TRP A 75 3.69 15.36 13.04
CA TRP A 75 2.91 14.21 12.50
C TRP A 75 3.74 13.53 11.41
N GLY A 76 3.78 12.20 11.41
CA GLY A 76 4.56 11.51 10.38
C GLY A 76 5.98 11.23 10.82
N HIS A 77 6.64 10.36 10.08
CA HIS A 77 8.02 9.88 10.36
C HIS A 77 9.07 10.97 10.17
N ARG A 78 10.18 10.79 10.86
CA ARG A 78 11.41 11.58 10.69
C ARG A 78 12.08 11.04 9.42
N ASN A 79 12.82 11.88 8.69
CA ASN A 79 13.55 11.48 7.46
C ASN A 79 12.57 10.90 6.42
N GLU A 80 11.41 11.52 6.29
CA GLU A 80 10.35 11.04 5.39
C GLU A 80 10.62 11.48 3.96
N THR A 81 10.31 10.58 3.02
CA THR A 81 10.36 10.88 1.61
C THR A 81 8.96 10.79 1.04
N TRP A 82 8.73 11.42 -0.11
CA TRP A 82 7.40 11.49 -0.69
C TRP A 82 7.42 11.08 -2.16
N ASN A 83 8.19 10.05 -2.48
CA ASN A 83 8.31 9.63 -3.87
C ASN A 83 7.05 8.93 -4.36
N ALA A 84 6.42 8.11 -3.50
CA ALA A 84 5.17 7.48 -3.90
C ALA A 84 4.07 8.51 -4.12
N LYS A 85 3.98 9.50 -3.24
CA LYS A 85 3.01 10.58 -3.39
C LYS A 85 3.24 11.35 -4.68
N GLU A 86 4.51 11.58 -5.03
CA GLU A 86 4.83 12.27 -6.27
C GLU A 86 4.37 11.45 -7.47
N GLU A 87 4.62 10.15 -7.45
CA GLU A 87 4.15 9.27 -8.50
C GLU A 87 2.63 9.24 -8.57
N LEU A 88 1.96 9.34 -7.41
CA LEU A 88 0.50 9.40 -7.42
C LEU A 88 0.05 10.65 -8.15
N ALA A 89 0.74 11.76 -7.91
CA ALA A 89 0.46 12.99 -8.64
C ALA A 89 0.68 12.80 -10.12
N ALA A 90 1.78 12.14 -10.49
CA ALA A 90 2.08 11.94 -11.91
C ALA A 90 0.98 11.15 -12.59
N TYR A 91 0.35 10.21 -11.88
CA TYR A 91 -0.79 9.49 -12.45
C TYR A 91 -2.07 10.35 -12.50
N GLY A 92 -2.09 11.51 -11.86
CA GLY A 92 -3.25 12.36 -11.95
C GLY A 92 -4.39 11.90 -11.06
N VAL A 93 -4.11 11.28 -9.90
CA VAL A 93 -5.20 10.87 -9.01
C VAL A 93 -5.17 11.51 -7.62
N PRO A 95 -7.19 11.99 -4.84
CA PRO A 95 -7.28 13.11 -3.89
C PRO A 95 -6.25 14.22 -4.13
N ASP A 96 -4.99 13.99 -3.82
CA ASP A 96 -3.83 14.84 -4.10
C ASP A 96 -3.61 15.99 -3.10
N TRP A 97 -4.47 16.15 -2.08
CA TRP A 97 -4.31 17.18 -1.03
C TRP A 97 -3.90 16.53 0.30
N PHE A 98 -3.59 15.24 0.30
CA PHE A 98 -3.29 14.51 1.52
C PHE A 98 -1.94 13.79 1.36
N GLY A 99 -0.95 14.19 2.14
CA GLY A 99 0.38 13.60 2.05
C GLY A 99 0.56 12.23 2.67
N LEU A 100 0.85 11.22 1.86
CA LEU A 100 1.21 9.89 2.34
C LEU A 100 2.70 9.67 2.10
N GLY A 101 3.51 9.82 3.16
CA GLY A 101 4.94 9.59 3.04
C GLY A 101 5.30 8.14 2.79
N ASP A 102 6.49 7.95 2.22
CA ASP A 102 6.93 6.58 1.87
C ASP A 102 7.05 5.70 3.11
N ARG A 103 7.75 6.20 4.13
CA ARG A 103 7.93 5.41 5.37
C ARG A 103 6.57 5.16 6.02
N ASP A 104 5.78 6.22 6.14
CA ASP A 104 4.50 6.13 6.81
C ASP A 104 3.56 5.19 6.08
N LEU A 105 3.73 5.05 4.76
CA LEU A 105 2.83 4.22 3.96
C LEU A 105 2.93 2.75 4.35
N ALA A 106 4.11 2.32 4.80
CA ALA A 106 4.27 0.94 5.25
C ALA A 106 3.34 0.64 6.40
N THR A 107 3.26 1.56 7.38
CA THR A 107 2.29 1.39 8.44
C THR A 107 0.91 1.17 7.85
N HIS A 108 0.56 1.99 6.85
CA HIS A 108 -0.78 1.89 6.29
C HIS A 108 -0.96 0.60 5.53
N LEU A 109 0.06 0.18 4.80
CA LEU A 109 -0.07 -1.09 4.05
C LEU A 109 -0.30 -2.26 5.03
N VAL A 110 0.45 -2.34 6.13
CA VAL A 110 0.34 -3.46 7.07
C VAL A 110 -0.97 -3.39 7.82
N ARG A 111 -1.34 -2.20 8.28
CA ARG A 111 -2.65 -2.05 8.89
C ARG A 111 -3.75 -2.48 7.94
N SER A 112 -3.74 -1.94 6.73
CA SER A 112 -4.77 -2.29 5.74
C SER A 112 -4.84 -3.79 5.53
N GLN A 113 -3.69 -4.43 5.23
CA GLN A 113 -3.65 -5.87 4.96
C GLN A 113 -4.31 -6.66 6.08
N MET A 114 -4.06 -6.27 7.34
CA MET A 114 -4.60 -7.01 8.48
C MET A 114 -6.08 -6.71 8.69
N LEU A 115 -6.49 -5.44 8.58
CA LEU A 115 -7.91 -5.13 8.74
C LEU A 115 -8.73 -5.89 7.71
N ARG A 116 -8.27 -5.94 6.46
CA ARG A 116 -9.00 -6.62 5.40
C ARG A 116 -8.97 -8.12 5.61
N ALA A 117 -8.05 -8.62 6.41
CA ALA A 117 -8.02 -10.04 6.69
C ALA A 117 -8.82 -10.41 7.93
N GLY A 118 -9.50 -9.44 8.55
CA GLY A 118 -10.39 -9.67 9.68
C GLY A 118 -9.85 -9.26 11.04
N TYR A 119 -8.61 -8.77 11.12
CA TYR A 119 -8.07 -8.39 12.43
C TYR A 119 -8.71 -7.09 12.90
N PRO A 120 -9.28 -7.05 14.10
CA PRO A 120 -9.80 -5.78 14.60
C PRO A 120 -8.67 -4.79 14.86
N LEU A 121 -9.04 -3.50 14.79
CA LEU A 121 -8.05 -2.43 14.85
C LEU A 121 -7.18 -2.53 16.11
N SER A 122 -7.80 -2.87 17.25
CA SER A 122 -7.06 -3.01 18.49
C SER A 122 -5.90 -4.00 18.33
N GLN A 123 -6.11 -5.09 17.59
CA GLN A 123 -5.06 -6.08 17.35
C GLN A 123 -4.02 -5.59 16.34
N VAL A 124 -4.46 -4.90 15.29
CA VAL A 124 -3.49 -4.26 14.40
C VAL A 124 -2.57 -3.36 15.20
N THR A 125 -3.16 -2.56 16.10
CA THR A 125 -2.37 -1.60 16.87
C THR A 125 -1.33 -2.31 17.72
N GLU A 126 -1.75 -3.33 18.48
CA GLU A 126 -0.81 -4.11 19.28
C GLU A 126 0.31 -4.67 18.41
N ALA A 127 -0.07 -5.23 17.25
CA ALA A 127 0.90 -5.81 16.34
C ALA A 127 1.94 -4.79 15.92
N LEU A 128 1.47 -3.60 15.52
CA LEU A 128 2.38 -2.54 15.12
C LEU A 128 3.22 -2.01 16.29
N CYS A 129 2.66 -2.02 17.51
CA CYS A 129 3.42 -1.53 18.66
C CYS A 129 4.56 -2.48 19.05
N LYS A 130 4.50 -3.73 18.62
CA LYS A 130 5.60 -4.65 18.89
C LYS A 130 6.89 -4.15 18.30
N ARG A 131 6.82 -3.45 17.17
CA ARG A 131 8.02 -2.86 16.61
C ARG A 131 8.43 -1.58 17.33
N TRP A 132 7.46 -0.74 17.72
CA TRP A 132 7.78 0.61 18.20
C TRP A 132 7.99 0.70 19.71
N GLN A 133 7.46 -0.24 20.48
CA GLN A 133 7.68 -0.30 21.92
C GLN A 133 7.31 1.04 22.58
N PRO A 134 6.09 1.51 22.39
CA PRO A 134 5.77 2.83 22.93
C PRO A 134 5.86 2.89 24.44
N GLY A 135 5.80 1.75 25.11
CA GLY A 135 5.77 1.74 26.56
C GLY A 135 4.45 2.16 27.14
N ALA A 136 3.37 1.97 26.39
CA ALA A 136 2.04 2.37 26.80
C ALA A 136 1.06 1.61 25.93
N ARG A 137 -0.12 1.34 26.48
CA ARG A 137 -1.18 0.63 25.77
C ARG A 137 -2.02 1.65 25.00
N LEU A 138 -2.02 1.54 23.68
CA LEU A 138 -2.69 2.50 22.81
C LEU A 138 -4.00 1.85 22.35
N LEU A 139 -5.09 2.16 23.06
CA LEU A 139 -6.38 1.55 22.77
C LEU A 139 -7.19 2.43 21.81
N PRO A 140 -7.55 1.93 20.64
CA PRO A 140 -8.51 2.69 19.82
C PRO A 140 -9.82 2.86 20.59
N ALA A 141 -10.37 4.08 20.54
CA ALA A 141 -11.65 4.32 21.19
C ALA A 141 -12.70 3.29 20.76
N SER A 142 -12.56 2.76 19.55
CA SER A 142 -13.46 1.74 19.06
C SER A 142 -12.74 0.94 17.99
N ASP A 143 -13.07 -0.35 17.93
CA ASP A 143 -12.71 -1.14 16.77
C ASP A 143 -13.66 -0.93 15.61
N GLU A 144 -14.78 -0.23 15.81
CA GLU A 144 -15.72 0.07 14.73
C GLU A 144 -15.50 1.48 14.19
N ARG A 145 -16.17 1.79 13.08
CA ARG A 145 -16.01 3.09 12.42
C ARG A 145 -16.83 4.18 13.10
N SER A 146 -16.17 5.29 13.41
CA SER A 146 -16.78 6.48 13.99
C SER A 146 -15.95 7.67 13.47
N GLU A 147 -16.35 8.19 12.31
CA GLU A 147 -15.60 9.23 11.60
C GLU A 147 -16.29 10.58 11.72
N THR A 148 -15.52 11.59 12.11
CA THR A 148 -16.03 12.93 12.29
C THR A 148 -16.25 13.58 10.93
N HIS A 149 -17.45 14.09 10.69
CA HIS A 149 -17.74 14.77 9.43
C HIS A 149 -18.00 16.25 9.68
N VAL A 150 -17.73 17.05 8.66
CA VAL A 150 -17.88 18.50 8.75
C VAL A 150 -18.89 18.93 7.69
N VAL A 151 -19.96 19.57 8.15
CA VAL A 151 -20.97 20.13 7.26
C VAL A 151 -20.54 21.55 6.92
N ILE A 152 -20.29 21.80 5.63
CA ILE A 152 -19.86 23.08 5.11
C ILE A 152 -20.82 23.53 4.00
N THR A 153 -20.66 24.79 3.59
CA THR A 153 -21.12 25.28 2.30
C THR A 153 -19.96 25.27 1.31
N ASP A 154 -20.07 24.45 0.27
CA ASP A 154 -18.96 24.29 -0.68
C ASP A 154 -18.85 25.51 -1.58
N PRO A 155 -17.66 26.11 -1.74
CA PRO A 155 -17.56 27.35 -2.53
C PRO A 155 -17.67 27.16 -4.04
N THR A 156 -17.48 25.96 -4.58
CA THR A 156 -17.55 25.82 -6.03
C THR A 156 -18.97 25.97 -6.54
N ASP A 157 -19.98 25.67 -5.72
CA ASP A 157 -21.37 25.74 -6.14
C ASP A 157 -22.31 26.24 -5.06
N GLY A 158 -21.80 26.57 -3.86
CA GLY A 158 -22.65 27.09 -2.81
C GLY A 158 -23.60 26.10 -2.20
N GLU A 159 -23.42 24.81 -2.47
CA GLU A 159 -24.28 23.76 -1.95
C GLU A 159 -23.73 23.23 -0.62
N ARG A 160 -24.65 22.84 0.27
CA ARG A 160 -24.26 22.17 1.50
C ARG A 160 -23.71 20.78 1.20
N ARG A 161 -22.55 20.47 1.78
CA ARG A 161 -21.82 19.23 1.58
C ARG A 161 -21.18 18.80 2.89
N ALA A 162 -21.05 17.49 3.08
CA ALA A 162 -20.35 16.91 4.21
C ALA A 162 -19.01 16.37 3.77
N ILE A 163 -17.95 16.78 4.44
CA ILE A 163 -16.62 16.33 4.10
C ILE A 163 -15.99 15.72 5.33
N HIS A 164 -15.14 14.73 5.12
CA HIS A 164 -14.40 14.15 6.23
C HIS A 164 -13.51 15.22 6.86
N PHE A 165 -13.36 15.12 8.19
CA PHE A 165 -12.59 16.11 8.93
C PHE A 165 -11.25 16.36 8.28
N GLN A 166 -10.67 15.30 7.71
CA GLN A 166 -9.35 15.39 7.07
C GLN A 166 -9.40 16.48 5.98
N GLU A 167 -10.40 16.40 5.10
CA GLU A 167 -10.55 17.37 4.00
C GLU A 167 -10.78 18.79 4.55
N TRP A 168 -11.63 18.95 5.56
CA TRP A 168 -11.90 20.31 6.08
C TRP A 168 -10.61 20.93 6.65
N TRP A 169 -9.88 20.18 7.47
CA TRP A 169 -8.63 20.67 8.09
C TRP A 169 -7.43 20.67 7.12
N VAL A 170 -7.18 19.55 6.44
CA VAL A 170 -5.98 19.44 5.56
C VAL A 170 -6.10 20.24 4.26
N ARG A 171 -7.27 20.24 3.63
CA ARG A 171 -7.42 20.90 2.31
C ARG A 171 -7.94 22.34 2.40
N TYR A 172 -9.01 22.59 3.16
CA TYR A 172 -9.59 23.95 3.25
C TYR A 172 -9.07 24.73 4.44
N ARG A 173 -8.41 24.06 5.38
CA ARG A 173 -7.89 24.72 6.60
C ARG A 173 -8.99 25.52 7.30
N ALA A 174 -10.19 24.96 7.48
CA ALA A 174 -11.23 25.60 8.30
C ALA A 174 -11.58 27.00 7.80
N LYS A 175 -11.51 27.23 6.49
CA LYS A 175 -11.78 28.54 5.94
C LYS A 175 -13.13 28.64 5.24
N VAL A 176 -13.73 27.50 4.91
CA VAL A 176 -15.02 27.42 4.25
C VAL A 176 -16.13 27.67 5.28
N PRO A 177 -17.31 28.16 4.91
CA PRO A 177 -18.39 28.31 5.91
C PRO A 177 -18.77 26.94 6.47
N THR A 178 -18.75 26.84 7.79
CA THR A 178 -18.85 25.56 8.48
C THR A 178 -20.01 25.60 9.45
N HIS A 179 -20.89 24.61 9.36
CA HIS A 179 -22.17 24.64 10.06
C HIS A 179 -22.25 23.71 11.26
N SER A 180 -21.76 22.48 11.16
CA SER A 180 -21.83 21.56 12.29
C SER A 180 -20.79 20.46 12.07
N PHE A 181 -20.56 19.71 13.14
CA PHE A 181 -19.86 18.45 13.08
C PHE A 181 -20.85 17.33 13.26
N ALA A 182 -20.59 16.21 12.61
CA ALA A 182 -21.41 15.03 12.81
C ALA A 182 -20.51 13.84 13.08
N TYR A 183 -20.90 13.03 14.04
CA TYR A 183 -20.12 11.89 14.46
C TYR A 183 -20.82 10.67 13.88
N VAL A 184 -20.53 10.43 12.60
CA VAL A 184 -21.21 9.40 11.83
C VAL A 184 -20.70 8.05 12.30
N GLY A 185 -21.60 7.25 12.89
CA GLY A 185 -21.28 5.93 13.39
C GLY A 185 -21.04 5.84 14.90
N ALA A 186 -20.86 6.97 15.59
CA ALA A 186 -20.60 6.93 17.03
C ALA A 186 -21.66 6.14 17.78
N ASP A 187 -22.95 6.43 17.53
CA ASP A 187 -23.97 5.71 18.27
C ASP A 187 -24.02 4.23 17.95
N GLN A 188 -23.47 3.82 16.81
CA GLN A 188 -23.41 2.41 16.42
C GLN A 188 -22.05 1.77 16.72
N ALA A 189 -21.14 2.50 17.37
CA ALA A 189 -19.81 1.99 17.62
C ALA A 189 -19.75 1.46 19.05
N THR A 190 -19.16 0.30 19.20
CA THR A 190 -19.00 -0.22 20.56
C THR A 190 -17.63 0.19 21.06
N ALA A 191 -17.53 0.40 22.37
CA ALA A 191 -16.28 0.78 22.99
C ALA A 191 -15.25 -0.32 22.78
N GLY A 192 -14.06 0.05 22.30
CA GLY A 192 -13.05 -0.92 21.96
C GLY A 192 -12.58 -1.76 23.14
N PRO A 193 -11.97 -2.92 22.85
CA PRO A 193 -11.64 -3.85 23.93
C PRO A 193 -10.70 -3.22 24.95
N GLY A 194 -11.04 -3.35 26.22
CA GLY A 194 -10.26 -2.77 27.28
C GLY A 194 -10.58 -1.32 27.62
N VAL A 195 -11.29 -0.61 26.74
CA VAL A 195 -11.45 0.83 26.95
C VAL A 195 -12.30 1.10 28.17
N VAL A 196 -13.46 0.44 28.26
CA VAL A 196 -14.32 0.61 29.44
C VAL A 196 -13.59 0.14 30.68
N GLU A 197 -12.91 -1.00 30.58
CA GLU A 197 -12.17 -1.54 31.72
C GLU A 197 -11.06 -0.62 32.15
N ALA A 198 -10.35 -0.02 31.20
CA ALA A 198 -9.27 0.90 31.53
C ALA A 198 -9.79 2.16 32.24
N ILE A 199 -10.97 2.63 31.85
CA ILE A 199 -11.55 3.77 32.56
C ILE A 199 -12.06 3.33 33.93
N GLY A 200 -12.56 2.10 34.05
CA GLY A 200 -13.12 1.64 35.32
C GLY A 200 -12.09 1.29 36.37
N ASP A 201 -10.95 0.72 35.96
CA ASP A 201 -9.93 0.27 36.90
C ASP A 201 -8.83 1.31 37.11
N ALA A 202 -8.96 2.49 36.53
CA ALA A 202 -7.91 3.48 36.67
C ALA A 202 -7.86 4.02 38.10
N ASP A 203 -6.65 4.39 38.52
CA ASP A 203 -6.53 5.24 39.70
C ASP A 203 -6.87 6.68 39.38
N ILE A 204 -6.72 7.08 38.12
CA ILE A 204 -7.02 8.44 37.71
C ILE A 204 -7.16 8.46 36.19
N VAL A 205 -8.09 9.26 35.72
CA VAL A 205 -8.33 9.46 34.31
C VAL A 205 -7.98 10.90 33.99
N LEU A 206 -7.18 11.09 32.94
CA LEU A 206 -6.78 12.42 32.50
C LEU A 206 -7.31 12.67 31.08
N LEU A 207 -7.81 13.87 30.84
CA LEU A 207 -8.13 14.33 29.50
C LEU A 207 -6.99 15.24 29.03
N ALA A 208 -6.28 14.79 27.99
CA ALA A 208 -5.17 15.57 27.46
C ALA A 208 -5.68 16.92 26.97
N PRO A 209 -4.83 17.93 26.95
CA PRO A 209 -5.22 19.24 26.43
C PRO A 209 -5.29 19.32 24.90
N SER A 210 -5.90 18.31 24.29
CA SER A 210 -6.13 18.27 22.86
C SER A 210 -7.38 19.05 22.47
N ASN A 211 -7.65 19.13 21.17
CA ASN A 211 -8.84 19.82 20.68
C ASN A 211 -10.09 19.21 21.32
N PRO A 212 -10.89 20.01 22.02
CA PRO A 212 -12.04 19.43 22.74
C PRO A 212 -13.15 18.97 21.81
N VAL A 213 -13.34 19.62 20.67
CA VAL A 213 -14.43 19.27 19.77
C VAL A 213 -14.09 18.05 18.91
N VAL A 214 -12.90 18.05 18.31
CA VAL A 214 -12.60 17.08 17.25
C VAL A 214 -11.49 16.10 17.62
N SER A 215 -10.91 16.19 18.83
CA SER A 215 -9.99 15.19 19.33
C SER A 215 -10.53 14.44 20.54
N ILE A 216 -10.81 15.14 21.64
CA ILE A 216 -11.40 14.51 22.81
C ILE A 216 -12.90 14.26 22.59
N GLY A 217 -13.64 15.29 22.18
CA GLY A 217 -15.08 15.19 21.98
C GLY A 217 -15.57 13.94 21.27
N PRO A 218 -14.96 13.56 20.13
CA PRO A 218 -15.46 12.36 19.44
C PRO A 218 -15.26 11.08 20.24
N ILE A 219 -14.26 11.00 21.12
CA ILE A 219 -14.19 9.85 22.02
C ILE A 219 -15.45 9.78 22.86
N LEU A 220 -15.94 10.94 23.32
CA LEU A 220 -17.07 11.06 24.24
C LEU A 220 -18.41 10.83 23.57
N GLN A 221 -18.44 10.69 22.24
CA GLN A 221 -19.65 10.38 21.49
C GLN A 221 -19.91 8.89 21.41
N ILE A 222 -18.92 8.07 21.71
CA ILE A 222 -19.09 6.62 21.78
C ILE A 222 -19.85 6.29 23.06
N PRO A 223 -21.07 5.75 22.96
CA PRO A 223 -21.92 5.64 24.17
C PRO A 223 -21.26 4.96 25.35
N GLY A 224 -20.58 3.83 25.14
CA GLY A 224 -19.97 3.14 26.26
C GLY A 224 -18.92 3.97 26.99
N ILE A 225 -18.14 4.77 26.26
CA ILE A 225 -17.03 5.48 26.89
C ILE A 225 -17.53 6.58 27.81
N ARG A 226 -18.53 7.34 27.38
CA ARG A 226 -19.08 8.37 28.25
C ARG A 226 -19.65 7.75 29.53
N GLY A 227 -20.33 6.60 29.40
CA GLY A 227 -20.84 5.92 30.58
C GLY A 227 -19.74 5.52 31.56
N ALA A 228 -18.67 4.89 31.05
CA ALA A 228 -17.57 4.50 31.95
C ALA A 228 -17.04 5.68 32.72
N LEU A 229 -16.85 6.82 32.06
CA LEU A 229 -16.36 8.01 32.75
C LEU A 229 -17.31 8.46 33.86
N ARG A 230 -18.62 8.36 33.62
CA ARG A 230 -19.57 8.86 34.62
C ARG A 230 -19.72 7.93 35.81
N SER A 231 -19.36 6.66 35.66
CA SER A 231 -19.51 5.68 36.73
C SER A 231 -18.19 5.27 37.37
N THR A 232 -17.04 5.68 36.84
CA THR A 232 -15.77 5.20 37.36
C THR A 232 -15.46 5.85 38.70
N SER A 233 -14.88 5.06 39.60
CA SER A 233 -14.41 5.57 40.88
C SER A 233 -13.25 6.55 40.73
N ALA A 234 -12.48 6.45 39.67
CA ALA A 234 -11.33 7.32 39.50
C ALA A 234 -11.77 8.77 39.40
N PRO A 235 -10.99 9.70 39.95
CA PRO A 235 -11.19 11.12 39.60
C PRO A 235 -10.90 11.33 38.12
N VAL A 236 -11.61 12.28 37.51
CA VAL A 236 -11.34 12.67 36.12
C VAL A 236 -10.82 14.09 36.13
N ILE A 237 -9.65 14.30 35.53
CA ILE A 237 -8.97 15.60 35.55
C ILE A 237 -8.76 16.03 34.13
N GLY A 238 -9.30 17.18 33.77
CA GLY A 238 -9.14 17.75 32.44
C GLY A 238 -8.11 18.85 32.42
N TYR A 239 -7.49 19.03 31.26
CA TYR A 239 -6.52 20.09 31.05
C TYR A 239 -7.07 21.00 29.96
N SER A 240 -7.18 22.29 30.26
CA SER A 240 -7.76 23.21 29.29
C SER A 240 -6.80 23.41 28.13
N PRO A 241 -7.26 23.33 26.88
CA PRO A 241 -6.38 23.62 25.74
C PRO A 241 -6.23 25.09 25.41
N ILE A 242 -6.89 25.98 26.14
CA ILE A 242 -6.87 27.42 25.88
C ILE A 242 -5.77 28.04 26.73
N ILE A 243 -4.68 28.47 26.08
CA ILE A 243 -3.67 29.24 26.79
C ILE A 243 -3.90 30.68 26.34
N ALA A 244 -4.94 31.30 26.90
CA ALA A 244 -5.55 32.46 26.24
C ALA A 244 -4.58 33.62 26.13
N GLY A 245 -4.84 34.46 25.12
CA GLY A 245 -4.10 35.67 24.87
C GLY A 245 -2.91 35.50 23.94
N LYS A 246 -2.45 34.27 23.72
CA LYS A 246 -1.31 34.01 22.90
C LYS A 246 -1.60 32.72 22.14
N PRO A 247 -1.27 32.64 20.84
CA PRO A 247 -1.42 31.38 20.10
C PRO A 247 -0.55 30.25 20.67
N GLY A 250 -2.77 26.27 15.14
CA GLY A 250 -3.81 25.58 15.88
C GLY A 250 -5.18 26.30 15.82
N MET A 251 -6.19 25.61 15.30
CA MET A 251 -7.52 26.19 15.21
C MET A 251 -8.52 25.28 15.89
N ALA A 252 -8.24 24.93 17.15
CA ALA A 252 -9.34 24.52 18.00
C ALA A 252 -10.26 25.69 18.25
N ASP A 253 -9.73 26.90 18.05
CA ASP A 253 -10.53 28.11 18.12
C ASP A 253 -11.67 28.05 17.12
N GLU A 254 -11.39 27.54 15.92
CA GLU A 254 -12.40 27.53 14.87
C GLU A 254 -13.45 26.44 15.07
N CYS A 255 -13.07 25.28 15.64
CA CYS A 255 -14.08 24.25 15.90
C CYS A 255 -14.98 24.67 17.04
N LEU A 256 -14.40 25.28 18.06
CA LEU A 256 -15.21 25.81 19.15
C LEU A 256 -16.23 26.80 18.61
N LYS A 257 -15.82 27.61 17.66
CA LYS A 257 -16.72 28.60 17.06
C LYS A 257 -17.89 27.92 16.35
N VAL A 258 -17.62 26.81 15.67
CA VAL A 258 -18.65 26.08 14.93
C VAL A 258 -19.78 25.63 15.86
N ILE A 259 -19.44 25.14 17.05
CA ILE A 259 -20.49 24.62 17.92
C ILE A 259 -20.99 25.72 18.84
N GLY A 260 -20.55 26.95 18.59
CA GLY A 260 -21.02 28.09 19.37
C GLY A 260 -20.53 28.14 20.80
N VAL A 261 -19.30 27.69 21.06
CA VAL A 261 -18.69 27.72 22.38
C VAL A 261 -17.56 28.75 22.36
N GLU A 262 -17.46 29.54 23.42
CA GLU A 262 -16.42 30.56 23.49
C GLU A 262 -15.05 29.93 23.69
N SER A 263 -14.02 30.58 23.15
CA SER A 263 -12.64 30.08 23.24
C SER A 263 -11.98 30.50 24.55
N THR A 264 -12.58 30.07 25.65
CA THR A 264 -12.08 30.41 26.98
C THR A 264 -11.97 29.16 27.84
N SER A 265 -11.10 29.25 28.86
CA SER A 265 -10.98 28.19 29.84
C SER A 265 -12.32 27.87 30.50
N GLN A 266 -13.10 28.91 30.83
CA GLN A 266 -14.39 28.66 31.45
C GLN A 266 -15.29 27.87 30.51
N ALA A 267 -15.38 28.31 29.25
CA ALA A 267 -16.33 27.70 28.34
C ALA A 267 -15.99 26.23 28.07
N VAL A 268 -14.72 25.93 27.81
CA VAL A 268 -14.33 24.55 27.51
C VAL A 268 -14.57 23.64 28.70
N GLY A 269 -14.32 24.14 29.92
CA GLY A 269 -14.62 23.35 31.10
C GLY A 269 -16.09 23.05 31.23
N GLU A 270 -16.93 24.04 30.97
CA GLU A 270 -18.37 23.83 30.97
C GLU A 270 -18.81 22.91 29.84
N PHE A 271 -18.05 22.87 28.75
CA PHE A 271 -18.39 21.97 27.66
C PHE A 271 -18.33 20.52 28.13
N PHE A 272 -17.27 20.15 28.85
CA PHE A 272 -17.18 18.80 29.45
C PHE A 272 -18.06 18.70 30.70
N GLY A 273 -18.13 19.77 31.48
CA GLY A 273 -19.04 19.81 32.61
C GLY A 273 -18.64 19.00 33.83
N ALA A 274 -19.42 19.16 34.91
CA ALA A 274 -19.12 18.58 36.20
C ALA A 274 -19.82 17.23 36.37
N ARG A 275 -19.08 16.24 36.87
CA ARG A 275 -19.70 14.95 37.19
C ARG A 275 -20.75 15.10 38.28
N ALA A 276 -20.58 16.10 39.15
CA ALA A 276 -21.63 16.37 40.13
C ALA A 276 -22.94 16.69 39.43
N GLY A 277 -22.87 17.27 38.24
CA GLY A 277 -24.06 17.51 37.46
C GLY A 277 -24.33 16.44 36.43
N THR A 278 -24.40 16.85 35.16
CA THR A 278 -24.51 15.92 34.04
C THR A 278 -23.22 15.85 33.23
N GLY A 279 -22.11 16.31 33.80
CA GLY A 279 -20.85 16.40 33.09
C GLY A 279 -19.89 15.25 33.38
N LEU A 280 -18.62 15.53 33.14
CA LEU A 280 -17.57 14.52 33.17
C LEU A 280 -16.40 14.83 34.08
N LEU A 281 -16.22 16.08 34.50
CA LEU A 281 -14.99 16.49 35.18
C LEU A 281 -15.17 16.51 36.68
N ASP A 282 -14.12 16.09 37.38
CA ASP A 282 -13.96 16.46 38.79
C ASP A 282 -12.99 17.63 38.97
N GLY A 283 -11.93 17.70 38.16
CA GLY A 283 -10.98 18.79 38.26
C GLY A 283 -10.64 19.33 36.88
N TRP A 284 -10.14 20.56 36.85
CA TRP A 284 -9.93 21.29 35.59
C TRP A 284 -8.72 22.20 35.75
N LEU A 285 -7.64 21.93 35.02
CA LEU A 285 -6.43 22.72 35.13
C LEU A 285 -6.32 23.73 34.00
N VAL A 286 -6.01 24.97 34.35
CA VAL A 286 -5.84 26.04 33.37
C VAL A 286 -4.46 26.65 33.54
N HIS A 287 -4.01 27.38 32.52
CA HIS A 287 -2.67 27.93 32.53
C HIS A 287 -2.52 29.09 33.52
N GLU A 288 -1.30 29.28 33.99
CA GLU A 288 -0.78 30.47 34.65
C GLU A 288 -1.49 31.73 34.17
N GLY A 289 -2.08 32.50 35.07
CA GLY A 289 -2.69 33.75 34.69
C GLY A 289 -4.17 33.69 34.39
N ASP A 290 -4.72 32.48 34.25
CA ASP A 290 -6.14 32.22 34.00
C ASP A 290 -6.97 31.91 35.23
N HIS A 291 -8.26 32.13 35.04
CA HIS A 291 -9.26 32.04 36.07
C HIS A 291 -10.50 31.46 35.43
N ALA A 292 -11.02 30.42 36.06
CA ALA A 292 -12.29 29.84 35.73
C ALA A 292 -12.70 29.04 36.94
N GLN A 293 -14.00 28.96 37.19
CA GLN A 293 -14.46 28.00 38.18
C GLN A 293 -15.87 27.56 37.85
N ILE A 294 -16.08 26.25 37.96
CA ILE A 294 -17.29 25.58 37.55
C ILE A 294 -17.81 24.84 38.77
N GLU A 295 -19.08 25.02 39.05
CA GLU A 295 -19.70 24.40 40.21
C GLU A 295 -19.64 22.87 40.11
N GLY A 296 -18.97 22.26 41.08
CA GLY A 296 -18.73 20.84 41.13
C GLY A 296 -17.33 20.46 40.72
N VAL A 297 -16.52 21.43 40.32
CA VAL A 297 -15.23 21.18 39.71
C VAL A 297 -14.17 21.98 40.45
N LYS A 298 -13.11 21.31 40.89
CA LYS A 298 -11.96 21.98 41.46
C LYS A 298 -11.09 22.50 40.33
N VAL A 299 -10.93 23.81 40.25
CA VAL A 299 -10.17 24.45 39.19
C VAL A 299 -8.91 25.05 39.80
N LYS A 300 -7.77 24.79 39.18
CA LYS A 300 -6.50 25.33 39.65
C LYS A 300 -5.68 25.79 38.45
N ALA A 301 -5.12 27.00 38.53
CA ALA A 301 -4.19 27.48 37.52
C ALA A 301 -2.78 26.99 37.83
N VAL A 302 -2.13 26.39 36.82
CA VAL A 302 -0.79 25.81 36.92
C VAL A 302 -0.11 26.02 35.57
N PRO A 303 1.22 25.97 35.47
CA PRO A 303 1.84 25.96 34.14
C PRO A 303 1.32 24.79 33.32
N LEU A 304 0.98 25.05 32.06
CA LEU A 304 0.38 24.03 31.22
C LEU A 304 0.94 24.02 29.80
N LEU A 305 2.21 24.39 29.62
CA LEU A 305 2.86 24.37 28.31
C LEU A 305 3.74 23.13 28.18
N MET A 306 3.50 22.32 27.14
CA MET A 306 4.26 21.09 26.92
C MET A 306 5.53 21.34 26.09
N THR A 307 6.41 22.19 26.63
CA THR A 307 7.65 22.52 25.94
C THR A 307 8.56 21.31 25.80
N ASP A 308 8.67 20.49 26.84
CA ASP A 308 9.50 19.30 26.84
C ASP A 308 8.87 18.30 27.80
N PRO A 309 9.30 17.05 27.75
CA PRO A 309 8.70 16.05 28.65
C PRO A 309 8.73 16.39 30.13
N GLU A 310 9.74 17.11 30.61
CA GLU A 310 9.81 17.35 32.05
C GLU A 310 8.82 18.42 32.50
N ALA A 311 8.57 19.42 31.69
CA ALA A 311 7.48 20.35 31.99
C ALA A 311 6.13 19.64 31.98
N THR A 312 5.91 18.76 31.00
CA THR A 312 4.67 17.99 30.95
C THR A 312 4.59 17.03 32.13
N ALA A 313 5.72 16.46 32.54
CA ALA A 313 5.70 15.61 33.73
C ALA A 313 5.15 16.38 34.94
N ALA A 314 5.50 17.65 35.05
CA ALA A 314 4.94 18.49 36.11
C ALA A 314 3.44 18.68 35.92
N MET A 315 3.01 18.90 34.68
CA MET A 315 1.58 19.04 34.40
C MET A 315 0.81 17.80 34.87
N VAL A 316 1.35 16.61 34.61
CA VAL A 316 0.72 15.38 35.07
C VAL A 316 0.60 15.36 36.59
N ARG A 317 1.72 15.59 37.29
CA ARG A 317 1.70 15.57 38.75
C ARG A 317 0.71 16.59 39.30
N ALA A 318 0.62 17.76 38.67
CA ALA A 318 -0.37 18.75 39.11
C ALA A 318 -1.78 18.17 39.04
N GLY A 319 -2.05 17.31 38.06
CA GLY A 319 -3.36 16.67 38.02
C GLY A 319 -3.53 15.66 39.13
N LEU A 320 -2.51 14.82 39.35
CA LEU A 320 -2.54 13.86 40.43
C LEU A 320 -2.75 14.53 41.78
N ASP A 321 -2.10 15.67 41.99
CA ASP A 321 -2.28 16.40 43.23
C ASP A 321 -3.72 16.89 43.36
N LEU A 322 -4.23 17.59 42.33
CA LEU A 322 -5.58 18.11 42.41
C LEU A 322 -6.59 17.00 42.62
N ALA A 323 -6.35 15.84 42.03
CA ALA A 323 -7.28 14.74 42.25
C ALA A 323 -7.12 14.19 43.66
N GLY A 324 -5.92 14.27 44.22
CA GLY A 324 -5.66 13.66 45.50
C GLY A 324 -5.20 12.23 45.42
N VAL A 325 -4.50 11.86 44.35
CA VAL A 325 -3.98 10.51 44.15
C VAL A 325 -2.46 10.58 44.17
N SER A 326 -1.81 9.54 44.72
CA SER A 326 -0.35 9.46 44.76
C SER A 326 0.23 8.16 44.19
N MET B 1 -0.74 -5.10 -41.01
CA MET B 1 -0.20 -4.05 -40.14
C MET B 1 -0.40 -4.39 -38.67
N LYS B 2 -0.64 -5.66 -38.35
CA LYS B 2 -1.03 -6.10 -37.01
C LYS B 2 -0.08 -7.19 -36.53
N ILE B 3 0.66 -6.91 -35.46
CA ILE B 3 1.54 -7.90 -34.87
C ILE B 3 1.11 -8.16 -33.43
N THR B 4 1.10 -9.43 -33.07
CA THR B 4 0.78 -9.85 -31.71
C THR B 4 1.97 -10.64 -31.17
N VAL B 5 2.42 -10.27 -29.98
CA VAL B 5 3.55 -10.97 -29.35
C VAL B 5 3.12 -11.44 -27.97
N LEU B 6 3.37 -12.71 -27.69
CA LEU B 6 3.27 -13.22 -26.33
C LEU B 6 4.56 -12.88 -25.60
N VAL B 7 4.44 -12.31 -24.40
CA VAL B 7 5.58 -11.78 -23.67
C VAL B 7 5.49 -12.08 -22.17
N GLY B 8 6.68 -12.18 -21.56
CA GLY B 8 6.84 -12.23 -20.12
C GLY B 8 8.28 -11.89 -19.79
N GLY B 9 8.48 -11.32 -18.60
CA GLY B 9 9.81 -11.04 -18.10
C GLY B 9 10.48 -9.85 -18.77
N VAL B 10 11.68 -9.53 -18.28
CA VAL B 10 12.47 -8.42 -18.83
C VAL B 10 12.74 -8.65 -20.31
N GLY B 11 12.92 -9.91 -20.72
CA GLY B 11 13.15 -10.19 -22.11
C GLY B 11 11.96 -9.87 -22.98
N GLY B 12 10.75 -10.16 -22.48
CA GLY B 12 9.56 -9.80 -23.23
C GLY B 12 9.47 -8.32 -23.52
N ALA B 13 9.74 -7.48 -22.51
CA ALA B 13 9.69 -6.03 -22.71
C ALA B 13 10.75 -5.55 -23.71
N ARG B 14 11.93 -6.17 -23.71
CA ARG B 14 13.00 -5.72 -24.61
C ARG B 14 12.74 -6.14 -26.04
N PHE B 15 12.09 -7.27 -26.23
CA PHE B 15 11.70 -7.68 -27.57
C PHE B 15 10.62 -6.73 -28.15
N LEU B 16 9.62 -6.35 -27.34
CA LEU B 16 8.61 -5.40 -27.82
C LEU B 16 9.25 -4.10 -28.26
N LEU B 17 10.24 -3.62 -27.51
CA LEU B 17 10.94 -2.41 -27.90
C LEU B 17 11.51 -2.55 -29.32
N GLY B 18 12.08 -3.71 -29.63
CA GLY B 18 12.58 -3.94 -30.98
C GLY B 18 11.47 -3.94 -32.02
N VAL B 19 10.35 -4.60 -31.73
CA VAL B 19 9.18 -4.53 -32.59
C VAL B 19 8.76 -3.08 -32.79
N GLN B 20 8.80 -2.28 -31.71
CA GLN B 20 8.45 -0.87 -31.84
C GLN B 20 9.45 -0.14 -32.72
N ASN B 21 10.73 -0.48 -32.56
CA ASN B 21 11.77 0.22 -33.30
C ASN B 21 11.71 -0.07 -34.78
N LEU B 22 11.36 -1.31 -35.15
CA LEU B 22 11.26 -1.64 -36.57
C LEU B 22 10.09 -0.94 -37.21
N LEU B 23 8.96 -0.85 -36.50
CA LEU B 23 7.71 -0.38 -37.07
C LEU B 23 7.47 1.10 -36.77
N GLY B 24 8.40 1.77 -36.12
CA GLY B 24 8.23 3.16 -35.74
C GLY B 24 7.08 3.43 -34.78
N LEU B 25 6.97 2.65 -33.71
CA LEU B 25 5.93 2.81 -32.71
C LEU B 25 6.50 3.36 -31.39
N GLY B 26 5.60 3.87 -30.55
CA GLY B 26 5.99 4.31 -29.22
C GLY B 26 7.04 5.40 -29.25
N SER B 27 8.05 5.24 -28.39
CA SER B 27 9.13 6.23 -28.32
C SER B 27 9.82 6.41 -29.68
N PHE B 28 9.78 5.39 -30.53
CA PHE B 28 10.47 5.39 -31.82
C PHE B 28 9.63 5.97 -32.95
N ALA B 29 8.50 6.60 -32.64
CA ALA B 29 7.71 7.26 -33.66
C ALA B 29 8.47 8.43 -34.25
N ASP B 30 8.22 8.70 -35.54
CA ASP B 30 8.60 9.97 -36.15
C ASP B 30 7.38 10.66 -36.74
N GLY B 31 6.57 9.95 -37.52
CA GLY B 31 5.24 10.41 -37.84
C GLY B 31 4.30 9.29 -37.43
N PRO B 32 2.99 9.55 -37.38
CA PRO B 32 2.08 8.49 -36.90
C PRO B 32 2.17 7.28 -37.83
N SER B 33 2.27 6.09 -37.24
CA SER B 33 2.68 4.91 -37.97
C SER B 33 1.54 4.12 -38.64
N LYS B 34 1.98 3.12 -39.39
CA LYS B 34 1.17 2.21 -40.21
C LYS B 34 0.98 0.86 -39.53
N HIS B 35 1.30 0.75 -38.24
CA HIS B 35 1.26 -0.56 -37.61
C HIS B 35 0.79 -0.43 -36.18
N GLU B 36 0.06 -1.44 -35.72
CA GLU B 36 -0.33 -1.55 -34.32
C GLU B 36 0.23 -2.82 -33.70
N LEU B 37 0.77 -2.70 -32.49
CA LEU B 37 1.41 -3.82 -31.81
C LEU B 37 0.58 -4.24 -30.60
N THR B 38 0.31 -5.54 -30.50
CA THR B 38 -0.48 -6.09 -29.41
C THR B 38 0.35 -7.12 -28.64
N ALA B 39 0.45 -6.92 -27.34
CA ALA B 39 1.17 -7.84 -26.48
C ALA B 39 0.14 -8.60 -25.64
N VAL B 40 0.25 -9.94 -25.65
CA VAL B 40 -0.44 -10.78 -24.69
C VAL B 40 0.56 -11.10 -23.56
N VAL B 41 0.28 -10.55 -22.37
CA VAL B 41 1.25 -10.43 -21.30
C VAL B 41 0.93 -11.43 -20.21
N ASN B 42 1.93 -12.22 -19.83
CA ASN B 42 1.84 -13.19 -18.74
C ASN B 42 1.34 -12.55 -17.44
N ILE B 43 0.38 -13.22 -16.80
CA ILE B 43 -0.05 -12.84 -15.45
C ILE B 43 0.41 -13.84 -14.40
N GLY B 44 1.28 -14.79 -14.76
CA GLY B 44 1.60 -15.88 -13.87
C GLY B 44 2.36 -15.47 -12.62
N ASP B 45 3.09 -14.36 -12.68
CA ASP B 45 3.82 -13.89 -11.50
C ASP B 45 3.02 -12.87 -10.71
N ASP B 46 1.78 -12.62 -11.11
CA ASP B 46 0.87 -11.66 -10.45
C ASP B 46 0.57 -12.12 -9.02
N ALA B 47 0.57 -11.20 -8.07
CA ALA B 47 0.31 -11.61 -6.68
C ALA B 47 -0.27 -10.49 -5.84
N TRP B 48 -1.03 -10.85 -4.82
CA TRP B 48 -1.48 -9.88 -3.80
C TRP B 48 -0.38 -9.90 -2.74
N MET B 49 0.29 -8.79 -2.53
CA MET B 49 1.36 -8.70 -1.52
C MET B 49 1.17 -7.40 -0.73
N HIS B 50 1.12 -7.51 0.59
CA HIS B 50 0.92 -6.37 1.53
C HIS B 50 -0.41 -5.65 1.24
N GLY B 51 -1.44 -6.39 0.84
CA GLY B 51 -2.75 -5.79 0.54
C GLY B 51 -2.80 -5.05 -0.79
N VAL B 52 -1.79 -5.17 -1.66
CA VAL B 52 -1.84 -4.51 -2.98
C VAL B 52 -1.54 -5.50 -4.10
N ARG B 53 -2.20 -5.35 -5.25
CA ARG B 53 -2.02 -6.28 -6.38
C ARG B 53 -0.76 -5.89 -7.17
N ILE B 54 0.16 -6.84 -7.34
CA ILE B 54 1.44 -6.56 -8.06
C ILE B 54 1.43 -7.33 -9.38
N CYS B 55 1.59 -6.64 -10.49
CA CYS B 55 1.59 -7.33 -11.79
C CYS B 55 2.94 -7.09 -12.48
N PRO B 56 4.00 -7.86 -12.15
CA PRO B 56 5.34 -7.62 -12.69
C PRO B 56 5.49 -7.54 -14.21
N ASP B 57 4.99 -8.53 -14.94
CA ASP B 57 5.15 -8.52 -16.42
C ASP B 57 4.41 -7.34 -17.05
N LEU B 58 3.19 -7.06 -16.63
CA LEU B 58 2.45 -5.90 -17.20
C LEU B 58 3.19 -4.60 -16.86
N ASP B 59 3.68 -4.48 -15.63
CA ASP B 59 4.43 -3.28 -15.18
C ASP B 59 5.74 -3.15 -15.97
N THR B 60 6.44 -4.25 -16.21
CA THR B 60 7.72 -4.20 -16.92
C THR B 60 7.53 -3.71 -18.37
N CYS B 61 6.52 -4.24 -19.07
CA CYS B 61 6.26 -3.74 -20.41
C CYS B 61 5.85 -2.28 -20.38
N MET B 62 5.03 -1.91 -19.40
CA MET B 62 4.48 -0.55 -19.37
C MET B 62 5.57 0.48 -19.10
N TYR B 63 6.43 0.23 -18.11
CA TYR B 63 7.52 1.15 -17.82
C TYR B 63 8.54 1.16 -18.95
N THR B 64 8.91 -0.02 -19.44
CA THR B 64 9.94 -0.11 -20.48
C THR B 64 9.51 0.62 -21.72
N LEU B 65 8.33 0.28 -22.24
CA LEU B 65 7.91 0.93 -23.48
C LEU B 65 7.55 2.39 -23.26
N GLY B 66 7.22 2.78 -22.03
CA GLY B 66 6.97 4.16 -21.69
C GLY B 66 8.18 4.94 -21.27
N GLY B 67 9.38 4.35 -21.33
CA GLY B 67 10.58 5.11 -21.07
C GLY B 67 10.83 5.38 -19.60
N GLY B 68 10.31 4.52 -18.70
CA GLY B 68 10.44 4.76 -17.28
C GLY B 68 11.48 3.92 -16.55
N ILE B 69 12.14 2.99 -17.23
CA ILE B 69 13.14 2.15 -16.57
C ILE B 69 14.44 2.93 -16.42
N ASP B 70 15.18 2.64 -15.37
CA ASP B 70 16.45 3.29 -15.11
C ASP B 70 17.50 2.67 -16.03
N PRO B 71 18.18 3.46 -16.86
CA PRO B 71 19.12 2.85 -17.83
C PRO B 71 20.27 2.12 -17.16
N ASP B 72 20.86 2.69 -16.09
CA ASP B 72 21.97 2.05 -15.38
C ASP B 72 21.55 0.71 -14.76
N ARG B 73 20.47 0.71 -13.98
CA ARG B 73 20.10 -0.52 -13.27
C ARG B 73 19.44 -1.52 -14.21
N GLY B 74 18.72 -1.02 -15.21
CA GLY B 74 18.01 -1.90 -16.12
C GLY B 74 16.67 -2.38 -15.60
N TRP B 75 16.32 -2.06 -14.35
CA TRP B 75 15.06 -2.45 -13.74
C TRP B 75 14.57 -1.36 -12.80
N GLY B 76 13.26 -1.11 -12.80
CA GLY B 76 12.66 -0.18 -11.87
C GLY B 76 12.80 1.28 -12.31
N HIS B 77 12.09 2.15 -11.58
CA HIS B 77 12.07 3.57 -11.92
C HIS B 77 13.43 4.20 -11.70
N ARG B 78 13.63 5.36 -12.35
CA ARG B 78 14.73 6.24 -12.01
C ARG B 78 14.44 6.93 -10.67
N ASN B 79 15.51 7.33 -9.99
CA ASN B 79 15.41 8.06 -8.72
C ASN B 79 14.53 7.31 -7.72
N GLU B 80 14.58 5.98 -7.78
CA GLU B 80 13.75 5.14 -6.92
C GLU B 80 14.35 5.06 -5.53
N THR B 81 13.46 4.97 -4.54
CA THR B 81 13.81 4.73 -3.15
C THR B 81 13.09 3.48 -2.67
N TRP B 82 13.56 2.93 -1.57
CA TRP B 82 12.97 1.71 -1.03
C TRP B 82 12.69 1.91 0.44
N ASN B 83 12.21 3.11 0.77
CA ASN B 83 11.98 3.48 2.16
C ASN B 83 10.77 2.75 2.73
N ALA B 84 9.70 2.60 1.95
CA ALA B 84 8.58 1.81 2.46
C ALA B 84 8.99 0.37 2.66
N LYS B 85 9.75 -0.21 1.72
CA LYS B 85 10.24 -1.57 1.90
C LYS B 85 11.09 -1.69 3.16
N GLU B 86 11.84 -0.64 3.49
CA GLU B 86 12.66 -0.64 4.70
C GLU B 86 11.79 -0.75 5.95
N GLU B 87 10.79 0.13 6.06
CA GLU B 87 9.86 0.07 7.19
C GLU B 87 9.13 -1.27 7.24
N LEU B 88 8.82 -1.85 6.08
CA LEU B 88 8.16 -3.15 6.10
C LEU B 88 9.07 -4.22 6.73
N ALA B 89 10.37 -4.20 6.41
CA ALA B 89 11.28 -5.14 7.05
C ALA B 89 11.33 -4.89 8.55
N ALA B 90 11.35 -3.62 8.96
CA ALA B 90 11.32 -3.27 10.37
C ALA B 90 10.05 -3.77 11.05
N TYR B 91 8.91 -3.75 10.35
CA TYR B 91 7.72 -4.37 10.92
C TYR B 91 7.80 -5.89 10.92
N GLY B 92 8.82 -6.44 10.27
CA GLY B 92 9.05 -7.87 10.34
C GLY B 92 8.31 -8.75 9.36
N VAL B 93 8.03 -8.28 8.14
CA VAL B 93 7.40 -9.13 7.13
C VAL B 93 8.37 -9.49 5.98
N PHE B 98 8.87 -8.95 -4.94
CA PHE B 98 9.63 -8.03 -5.79
C PHE B 98 10.37 -6.99 -4.92
N GLY B 99 11.03 -6.06 -5.60
CA GLY B 99 11.82 -5.05 -4.91
C GLY B 99 10.99 -3.96 -4.22
N LEU B 100 9.76 -3.76 -4.68
CA LEU B 100 8.78 -2.90 -4.03
C LEU B 100 9.32 -1.51 -3.74
N GLY B 101 9.69 -0.81 -4.83
CA GLY B 101 10.15 0.56 -4.69
C GLY B 101 9.02 1.51 -4.36
N ASP B 102 9.38 2.67 -3.80
CA ASP B 102 8.38 3.65 -3.40
C ASP B 102 7.56 4.10 -4.59
N ARG B 103 8.22 4.48 -5.69
CA ARG B 103 7.50 4.90 -6.88
C ARG B 103 6.65 3.76 -7.40
N ASP B 104 7.20 2.56 -7.37
CA ASP B 104 6.50 1.37 -7.80
C ASP B 104 5.23 1.15 -6.97
N LEU B 105 5.26 1.51 -5.69
CA LEU B 105 4.08 1.26 -4.82
C LEU B 105 2.89 2.11 -5.26
N ALA B 106 3.16 3.28 -5.81
CA ALA B 106 2.09 4.12 -6.34
C ALA B 106 1.32 3.40 -7.44
N THR B 107 2.02 2.73 -8.34
CA THR B 107 1.32 1.95 -9.39
C THR B 107 0.43 0.90 -8.71
N HIS B 108 0.94 0.22 -7.69
CA HIS B 108 0.16 -0.82 -6.98
C HIS B 108 -1.08 -0.22 -6.28
N LEU B 109 -0.92 0.94 -5.66
CA LEU B 109 -2.06 1.58 -4.93
C LEU B 109 -3.19 1.91 -5.90
N VAL B 110 -2.86 2.50 -7.05
CA VAL B 110 -3.85 2.90 -8.06
C VAL B 110 -4.52 1.66 -8.66
N ARG B 111 -3.72 0.65 -8.97
CA ARG B 111 -4.24 -0.60 -9.54
C ARG B 111 -5.21 -1.27 -8.56
N SER B 112 -4.85 -1.33 -7.28
CA SER B 112 -5.66 -1.99 -6.23
C SER B 112 -7.02 -1.29 -6.07
N GLN B 113 -7.02 0.04 -6.11
CA GLN B 113 -8.26 0.84 -5.97
C GLN B 113 -9.20 0.53 -7.13
N MET B 114 -8.67 0.43 -8.35
CA MET B 114 -9.50 0.14 -9.53
C MET B 114 -10.05 -1.28 -9.47
N LEU B 115 -9.22 -2.24 -9.07
CA LEU B 115 -9.65 -3.65 -9.02
C LEU B 115 -10.73 -3.80 -7.96
N ARG B 116 -10.57 -3.16 -6.81
CA ARG B 116 -11.56 -3.26 -5.74
C ARG B 116 -12.81 -2.45 -6.03
N ALA B 117 -12.76 -1.52 -6.97
CA ALA B 117 -13.93 -0.79 -7.43
C ALA B 117 -14.59 -1.44 -8.65
N GLY B 118 -14.13 -2.62 -9.04
CA GLY B 118 -14.77 -3.40 -10.07
C GLY B 118 -14.15 -3.38 -11.46
N TYR B 119 -13.12 -2.60 -11.69
CA TYR B 119 -12.50 -2.60 -13.02
C TYR B 119 -11.66 -3.84 -13.21
N PRO B 120 -11.86 -4.58 -14.29
CA PRO B 120 -10.97 -5.71 -14.60
C PRO B 120 -9.58 -5.22 -15.00
N LEU B 121 -8.62 -6.13 -14.81
CA LEU B 121 -7.17 -5.91 -15.03
C LEU B 121 -6.95 -5.28 -16.41
N SER B 122 -7.64 -5.76 -17.43
CA SER B 122 -7.52 -5.23 -18.78
C SER B 122 -7.80 -3.73 -18.81
N GLN B 123 -8.84 -3.28 -18.10
CA GLN B 123 -9.13 -1.84 -18.05
C GLN B 123 -8.21 -1.11 -17.09
N VAL B 124 -7.79 -1.77 -16.01
CA VAL B 124 -6.82 -1.11 -15.09
C VAL B 124 -5.56 -0.79 -15.90
N THR B 125 -5.15 -1.72 -16.76
CA THR B 125 -3.92 -1.54 -17.53
C THR B 125 -4.04 -0.36 -18.48
N GLU B 126 -5.15 -0.28 -19.24
CA GLU B 126 -5.39 0.86 -20.13
C GLU B 126 -5.33 2.17 -19.38
N ALA B 127 -5.96 2.22 -18.19
CA ALA B 127 -5.95 3.43 -17.37
C ALA B 127 -4.52 3.84 -17.00
N LEU B 128 -3.71 2.86 -16.59
CA LEU B 128 -2.31 3.19 -16.23
C LEU B 128 -1.54 3.59 -17.48
N CYS B 129 -1.87 3.00 -18.63
CA CYS B 129 -1.11 3.31 -19.85
C CYS B 129 -1.37 4.71 -20.38
N LYS B 130 -2.45 5.35 -19.93
CA LYS B 130 -2.69 6.75 -20.29
C LYS B 130 -1.56 7.64 -19.80
N ARG B 131 -0.99 7.31 -18.65
CA ARG B 131 0.15 8.09 -18.21
C ARG B 131 1.43 7.66 -18.92
N TRP B 132 1.62 6.37 -19.16
CA TRP B 132 2.89 5.88 -19.67
C TRP B 132 2.94 5.85 -21.19
N GLN B 133 1.79 5.70 -21.84
CA GLN B 133 1.70 5.77 -23.30
C GLN B 133 2.72 4.82 -23.95
N PRO B 134 2.63 3.52 -23.68
CA PRO B 134 3.65 2.60 -24.20
C PRO B 134 3.72 2.57 -25.72
N GLY B 135 2.68 2.99 -26.42
CA GLY B 135 2.67 2.85 -27.86
C GLY B 135 2.42 1.42 -28.26
N ALA B 136 1.72 0.67 -27.40
CA ALA B 136 1.42 -0.74 -27.63
C ALA B 136 0.22 -1.10 -26.78
N ARG B 137 -0.55 -2.06 -27.26
CA ARG B 137 -1.70 -2.57 -26.53
C ARG B 137 -1.24 -3.72 -25.65
N LEU B 138 -1.35 -3.57 -24.32
CA LEU B 138 -0.89 -4.57 -23.37
C LEU B 138 -2.10 -5.31 -22.79
N LEU B 139 -2.44 -6.45 -23.40
CA LEU B 139 -3.57 -7.24 -22.95
C LEU B 139 -3.12 -8.25 -21.92
N PRO B 140 -3.65 -8.23 -20.70
CA PRO B 140 -3.36 -9.32 -19.76
C PRO B 140 -3.88 -10.64 -20.34
N ALA B 141 -3.08 -11.69 -20.21
CA ALA B 141 -3.51 -12.99 -20.73
C ALA B 141 -4.86 -13.42 -20.19
N SER B 142 -5.24 -12.93 -19.02
CA SER B 142 -6.54 -13.20 -18.42
C SER B 142 -6.84 -12.10 -17.41
N ASP B 143 -8.11 -11.71 -17.33
CA ASP B 143 -8.65 -10.88 -16.25
C ASP B 143 -8.96 -11.69 -14.99
N GLU B 144 -8.86 -13.02 -15.04
CA GLU B 144 -9.02 -13.87 -13.86
C GLU B 144 -7.65 -14.14 -13.24
N ARG B 145 -7.65 -14.72 -12.04
CA ARG B 145 -6.39 -15.02 -11.36
C ARG B 145 -5.81 -16.31 -11.91
N SER B 146 -4.55 -16.27 -12.28
CA SER B 146 -3.89 -17.51 -12.69
C SER B 146 -2.42 -17.36 -12.29
N GLU B 147 -2.11 -17.80 -11.07
CA GLU B 147 -0.81 -17.53 -10.47
C GLU B 147 0.08 -18.75 -10.52
N THR B 148 1.29 -18.57 -11.04
CA THR B 148 2.24 -19.68 -11.17
C THR B 148 2.77 -20.08 -9.80
N HIS B 149 2.62 -21.35 -9.47
CA HIS B 149 3.14 -21.87 -8.21
C HIS B 149 4.17 -22.96 -8.48
N VAL B 150 5.03 -23.19 -7.49
CA VAL B 150 6.06 -24.21 -7.54
C VAL B 150 5.86 -25.13 -6.34
N VAL B 151 5.71 -26.43 -6.60
CA VAL B 151 5.53 -27.43 -5.56
C VAL B 151 6.89 -27.91 -5.09
N ILE B 152 7.16 -27.77 -3.78
CA ILE B 152 8.42 -28.15 -3.18
C ILE B 152 8.17 -29.22 -2.12
N THR B 153 9.27 -29.82 -1.64
CA THR B 153 9.28 -30.56 -0.39
C THR B 153 9.71 -29.58 0.69
N ASP B 154 8.80 -29.26 1.60
CA ASP B 154 9.04 -28.26 2.64
C ASP B 154 9.93 -28.86 3.72
N PRO B 155 11.05 -28.22 4.09
CA PRO B 155 11.97 -28.83 5.05
C PRO B 155 11.49 -28.82 6.50
N THR B 156 10.48 -28.02 6.84
CA THR B 156 9.99 -28.04 8.23
C THR B 156 9.25 -29.33 8.56
N ASP B 157 8.60 -29.94 7.58
CA ASP B 157 7.82 -31.14 7.85
C ASP B 157 7.84 -32.16 6.72
N GLY B 158 8.57 -31.91 5.62
CA GLY B 158 8.66 -32.88 4.54
C GLY B 158 7.43 -33.02 3.68
N GLU B 159 6.47 -32.08 3.77
CA GLU B 159 5.23 -32.10 3.01
C GLU B 159 5.40 -31.41 1.67
N ARG B 160 4.69 -31.90 0.66
CA ARG B 160 4.63 -31.15 -0.59
C ARG B 160 3.81 -29.88 -0.36
N ARG B 161 4.33 -28.75 -0.85
CA ARG B 161 3.68 -27.47 -0.65
C ARG B 161 3.79 -26.69 -1.94
N ALA B 162 2.74 -25.93 -2.26
CA ALA B 162 2.74 -25.07 -3.42
C ALA B 162 3.10 -23.67 -2.98
N ILE B 163 4.08 -23.09 -3.63
CA ILE B 163 4.67 -21.82 -3.27
C ILE B 163 4.53 -20.94 -4.49
N HIS B 164 4.24 -19.66 -4.27
CA HIS B 164 4.19 -18.72 -5.39
C HIS B 164 5.58 -18.56 -6.02
N PHE B 165 5.62 -18.54 -7.37
CA PHE B 165 6.88 -18.50 -8.10
C PHE B 165 7.81 -17.44 -7.55
N GLN B 166 7.25 -16.28 -7.17
CA GLN B 166 8.07 -15.19 -6.64
C GLN B 166 8.80 -15.59 -5.36
N GLU B 167 8.10 -16.25 -4.42
CA GLU B 167 8.77 -16.71 -3.22
C GLU B 167 9.76 -17.82 -3.54
N TRP B 168 9.38 -18.74 -4.43
CA TRP B 168 10.27 -19.85 -4.76
C TRP B 168 11.58 -19.35 -5.34
N TRP B 169 11.51 -18.35 -6.23
CA TRP B 169 12.71 -17.90 -6.94
C TRP B 169 13.74 -17.31 -5.97
N VAL B 170 13.30 -16.48 -5.03
CA VAL B 170 14.26 -15.81 -4.15
C VAL B 170 14.63 -16.63 -2.91
N ARG B 171 13.76 -17.54 -2.45
CA ARG B 171 13.96 -18.20 -1.17
C ARG B 171 14.18 -19.71 -1.29
N TYR B 172 13.39 -20.42 -2.05
CA TYR B 172 13.50 -21.87 -2.07
C TYR B 172 14.32 -22.42 -3.22
N ARG B 173 14.48 -21.66 -4.30
CA ARG B 173 15.15 -22.14 -5.50
C ARG B 173 16.56 -22.63 -5.19
N ALA B 174 16.84 -23.87 -5.59
CA ALA B 174 18.11 -24.57 -5.43
C ALA B 174 18.44 -24.80 -3.97
N LYS B 175 17.43 -24.75 -3.11
CA LYS B 175 17.65 -25.01 -1.70
C LYS B 175 16.85 -26.18 -1.16
N VAL B 176 15.77 -26.59 -1.83
CA VAL B 176 14.96 -27.73 -1.42
C VAL B 176 14.50 -28.44 -2.68
N PRO B 177 14.08 -29.70 -2.55
CA PRO B 177 13.58 -30.42 -3.73
C PRO B 177 12.35 -29.75 -4.34
N THR B 178 12.35 -29.65 -5.66
CA THR B 178 11.32 -28.96 -6.43
C THR B 178 10.72 -29.94 -7.43
N HIS B 179 9.41 -30.11 -7.41
CA HIS B 179 8.76 -31.20 -8.12
C HIS B 179 7.98 -30.80 -9.36
N SER B 180 7.21 -29.72 -9.34
CA SER B 180 6.40 -29.36 -10.49
C SER B 180 6.01 -27.90 -10.37
N PHE B 181 5.46 -27.38 -11.46
CA PHE B 181 4.75 -26.10 -11.44
C PHE B 181 3.27 -26.42 -11.42
N ALA B 182 2.50 -25.53 -10.79
CA ALA B 182 1.05 -25.56 -10.78
C ALA B 182 0.58 -24.17 -11.13
N TYR B 183 -0.49 -24.08 -11.92
CA TYR B 183 -1.05 -22.82 -12.40
C TYR B 183 -2.36 -22.60 -11.66
N VAL B 184 -2.25 -22.03 -10.46
CA VAL B 184 -3.37 -21.93 -9.52
C VAL B 184 -4.41 -20.97 -10.10
N GLY B 185 -5.57 -21.50 -10.47
CA GLY B 185 -6.62 -20.72 -11.06
C GLY B 185 -6.73 -20.85 -12.56
N ALA B 186 -5.72 -21.44 -13.21
CA ALA B 186 -5.70 -21.53 -14.66
C ALA B 186 -6.98 -22.12 -15.22
N ASP B 187 -7.39 -23.26 -14.67
CA ASP B 187 -8.54 -24.00 -15.18
C ASP B 187 -9.85 -23.24 -15.08
N GLN B 188 -9.95 -22.25 -14.19
CA GLN B 188 -11.16 -21.45 -13.99
C GLN B 188 -11.07 -20.09 -14.69
N ALA B 189 -10.03 -19.83 -15.45
CA ALA B 189 -9.83 -18.54 -16.10
C ALA B 189 -10.22 -18.61 -17.57
N THR B 190 -10.67 -17.49 -18.10
CA THR B 190 -10.89 -17.33 -19.52
C THR B 190 -9.87 -16.36 -20.12
N ALA B 191 -9.64 -16.48 -21.42
CA ALA B 191 -8.75 -15.56 -22.10
C ALA B 191 -9.27 -14.14 -21.99
N GLY B 192 -8.40 -13.22 -21.57
CA GLY B 192 -8.77 -11.84 -21.33
C GLY B 192 -9.31 -11.14 -22.56
N PRO B 193 -10.01 -10.03 -22.37
CA PRO B 193 -10.71 -9.37 -23.49
C PRO B 193 -9.71 -8.97 -24.56
N GLY B 194 -10.06 -9.28 -25.80
CA GLY B 194 -9.23 -8.94 -26.93
C GLY B 194 -8.14 -9.93 -27.25
N VAL B 195 -7.84 -10.88 -26.36
CA VAL B 195 -6.65 -11.72 -26.55
C VAL B 195 -6.87 -12.72 -27.68
N VAL B 196 -8.00 -13.47 -27.62
CA VAL B 196 -8.32 -14.43 -28.67
C VAL B 196 -8.49 -13.71 -30.02
N GLU B 197 -9.10 -12.54 -30.00
CA GLU B 197 -9.25 -11.75 -31.22
C GLU B 197 -7.90 -11.26 -31.74
N ALA B 198 -7.01 -10.86 -30.83
CA ALA B 198 -5.68 -10.40 -31.24
C ALA B 198 -4.90 -11.52 -31.91
N ILE B 199 -5.06 -12.75 -31.41
CA ILE B 199 -4.37 -13.90 -31.99
C ILE B 199 -4.99 -14.25 -33.34
N GLY B 200 -6.29 -14.09 -33.46
CA GLY B 200 -6.98 -14.48 -34.68
C GLY B 200 -6.79 -13.54 -35.85
N ASP B 201 -6.70 -12.24 -35.56
CA ASP B 201 -6.65 -11.22 -36.60
C ASP B 201 -5.23 -10.74 -36.90
N ALA B 202 -4.22 -11.33 -36.30
CA ALA B 202 -2.86 -10.87 -36.52
C ALA B 202 -2.39 -11.22 -37.94
N ASP B 203 -1.49 -10.39 -38.46
CA ASP B 203 -0.73 -10.86 -39.61
C ASP B 203 0.36 -11.84 -39.21
N ILE B 204 0.81 -11.78 -37.97
CA ILE B 204 1.84 -12.70 -37.48
C ILE B 204 1.81 -12.69 -35.96
N VAL B 205 2.06 -13.85 -35.37
CA VAL B 205 2.18 -14.01 -33.92
C VAL B 205 3.61 -14.40 -33.59
N LEU B 206 4.21 -13.67 -32.63
CA LEU B 206 5.57 -13.90 -32.17
C LEU B 206 5.55 -14.30 -30.69
N LEU B 207 6.30 -15.35 -30.36
CA LEU B 207 6.59 -15.71 -28.97
C LEU B 207 7.97 -15.14 -28.64
N ALA B 208 8.00 -14.15 -27.75
CA ALA B 208 9.25 -13.51 -27.40
C ALA B 208 10.21 -14.52 -26.76
N PRO B 209 11.55 -14.26 -26.84
CA PRO B 209 12.53 -15.18 -26.24
C PRO B 209 12.58 -15.08 -24.71
N SER B 210 11.42 -15.15 -24.09
CA SER B 210 11.29 -15.21 -22.65
C SER B 210 11.40 -16.66 -22.19
N ASN B 211 11.47 -16.85 -20.87
CA ASN B 211 11.53 -18.19 -20.30
C ASN B 211 10.34 -19.00 -20.79
N PRO B 212 10.57 -20.15 -21.40
CA PRO B 212 9.44 -20.90 -21.96
C PRO B 212 8.53 -21.46 -20.89
N VAL B 213 9.06 -21.74 -19.70
CA VAL B 213 8.26 -22.39 -18.67
C VAL B 213 7.36 -21.38 -17.97
N VAL B 214 7.93 -20.29 -17.49
CA VAL B 214 7.26 -19.42 -16.53
C VAL B 214 7.03 -18.02 -17.07
N SER B 215 7.40 -17.74 -18.32
CA SER B 215 7.00 -16.48 -18.92
C SER B 215 6.06 -16.69 -20.10
N ILE B 216 6.44 -17.46 -21.11
CA ILE B 216 5.48 -17.80 -22.16
C ILE B 216 4.52 -18.88 -21.69
N GLY B 217 5.07 -19.96 -21.12
CA GLY B 217 4.31 -21.12 -20.70
C GLY B 217 3.00 -20.86 -19.97
N PRO B 218 2.98 -19.98 -18.97
CA PRO B 218 1.72 -19.78 -18.25
C PRO B 218 0.64 -19.11 -19.08
N ILE B 219 1.01 -18.28 -20.07
CA ILE B 219 0.02 -17.74 -20.99
C ILE B 219 -0.73 -18.88 -21.66
N LEU B 220 -0.03 -19.99 -21.93
CA LEU B 220 -0.61 -21.12 -22.66
C LEU B 220 -1.52 -21.96 -21.78
N GLN B 221 -1.55 -21.70 -20.48
CA GLN B 221 -2.41 -22.42 -19.56
C GLN B 221 -3.80 -21.78 -19.43
N ILE B 222 -3.98 -20.54 -19.88
CA ILE B 222 -5.28 -19.86 -19.92
C ILE B 222 -6.17 -20.53 -20.95
N PRO B 223 -7.30 -21.11 -20.55
CA PRO B 223 -8.20 -21.73 -21.51
C PRO B 223 -8.52 -20.79 -22.67
N GLY B 224 -8.49 -21.33 -23.88
CA GLY B 224 -8.79 -20.51 -25.03
C GLY B 224 -7.57 -20.01 -25.77
N ILE B 225 -6.49 -19.69 -25.05
CA ILE B 225 -5.33 -19.08 -25.69
C ILE B 225 -4.61 -20.10 -26.57
N ARG B 226 -4.42 -21.33 -26.08
CA ARG B 226 -3.80 -22.36 -26.90
C ARG B 226 -4.64 -22.67 -28.13
N GLY B 227 -5.97 -22.71 -27.97
CA GLY B 227 -6.84 -22.93 -29.10
C GLY B 227 -6.68 -21.88 -30.18
N ALA B 228 -6.72 -20.60 -29.80
CA ALA B 228 -6.51 -19.53 -30.78
C ALA B 228 -5.17 -19.67 -31.48
N LEU B 229 -4.10 -20.00 -30.72
CA LEU B 229 -2.78 -20.14 -31.35
C LEU B 229 -2.77 -21.23 -32.40
N ARG B 230 -3.44 -22.35 -32.14
CA ARG B 230 -3.42 -23.48 -33.07
C ARG B 230 -4.30 -23.27 -34.28
N SER B 231 -5.28 -22.36 -34.20
CA SER B 231 -6.21 -22.18 -35.29
C SER B 231 -5.97 -20.93 -36.10
N THR B 232 -5.11 -20.00 -35.66
CA THR B 232 -5.04 -18.73 -36.36
C THR B 232 -4.34 -18.87 -37.70
N SER B 233 -4.87 -18.14 -38.68
CA SER B 233 -4.24 -18.07 -39.99
C SER B 233 -2.87 -17.42 -39.93
N ALA B 234 -2.64 -16.59 -38.92
CA ALA B 234 -1.35 -15.95 -38.80
C ALA B 234 -0.25 -17.01 -38.66
N PRO B 235 0.90 -16.79 -39.27
CA PRO B 235 2.07 -17.60 -38.93
C PRO B 235 2.44 -17.37 -37.48
N VAL B 236 2.94 -18.42 -36.82
CA VAL B 236 3.45 -18.33 -35.46
C VAL B 236 4.94 -18.60 -35.49
N ILE B 237 5.70 -17.62 -35.00
CA ILE B 237 7.15 -17.68 -35.04
C ILE B 237 7.68 -17.52 -33.62
N GLY B 238 8.40 -18.54 -33.14
CA GLY B 238 8.99 -18.51 -31.82
C GLY B 238 10.49 -18.19 -31.88
N TYR B 239 10.99 -17.57 -30.81
CA TYR B 239 12.40 -17.22 -30.68
C TYR B 239 13.03 -18.01 -29.53
N SER B 240 14.15 -18.65 -29.80
CA SER B 240 14.80 -19.44 -28.77
C SER B 240 15.42 -18.52 -27.72
N PRO B 241 15.21 -18.80 -26.44
CA PRO B 241 15.89 -18.07 -25.37
C PRO B 241 17.26 -18.63 -25.00
N ILE B 242 17.75 -19.67 -25.67
CA ILE B 242 19.00 -20.33 -25.32
C ILE B 242 20.15 -19.68 -26.07
N ILE B 243 20.99 -18.96 -25.34
CA ILE B 243 22.18 -18.31 -25.89
C ILE B 243 23.48 -19.03 -25.53
N ALA B 244 23.93 -19.92 -26.41
CA ALA B 244 25.19 -20.64 -26.25
C ALA B 244 26.38 -19.66 -26.37
N GLY B 245 27.57 -20.15 -26.04
CA GLY B 245 28.77 -19.35 -26.21
C GLY B 245 29.24 -18.61 -24.97
N LYS B 246 28.48 -18.67 -23.89
CA LYS B 246 28.81 -17.94 -22.69
C LYS B 246 30.05 -18.53 -22.01
N PRO B 247 30.70 -17.76 -21.15
CA PRO B 247 31.82 -18.29 -20.38
C PRO B 247 31.39 -19.51 -19.57
N LEU B 248 32.27 -20.50 -19.50
CA LEU B 248 31.98 -21.78 -18.86
C LEU B 248 30.74 -22.45 -19.44
N ARG B 249 30.38 -22.12 -20.68
CA ARG B 249 29.18 -22.63 -21.37
C ARG B 249 27.89 -22.28 -20.65
N GLY B 250 27.87 -21.20 -19.86
CA GLY B 250 26.63 -20.80 -19.21
C GLY B 250 26.10 -21.83 -18.22
N MET B 251 24.83 -21.66 -17.83
CA MET B 251 24.16 -22.57 -16.92
C MET B 251 22.89 -23.07 -17.59
N ALA B 252 22.38 -24.21 -17.12
CA ALA B 252 21.03 -24.64 -17.47
C ALA B 252 19.97 -23.73 -16.86
N ASP B 253 18.88 -23.52 -17.59
CA ASP B 253 17.76 -22.80 -17.00
C ASP B 253 17.11 -23.60 -15.89
N GLU B 254 16.94 -22.98 -14.72
CA GLU B 254 16.44 -23.73 -13.59
C GLU B 254 14.97 -24.09 -13.73
N CYS B 255 14.17 -23.26 -14.39
CA CYS B 255 12.75 -23.62 -14.51
C CYS B 255 12.57 -24.76 -15.51
N LEU B 256 13.36 -24.77 -16.59
CA LEU B 256 13.38 -25.93 -17.49
C LEU B 256 13.80 -27.20 -16.76
N LYS B 257 14.76 -27.10 -15.84
CA LYS B 257 15.19 -28.28 -15.10
C LYS B 257 14.04 -28.88 -14.28
N VAL B 258 13.22 -28.03 -13.67
CA VAL B 258 12.10 -28.54 -12.87
C VAL B 258 11.22 -29.49 -13.68
N ILE B 259 10.96 -29.15 -14.95
CA ILE B 259 10.15 -30.04 -15.79
C ILE B 259 11.05 -30.98 -16.59
N GLY B 260 12.33 -31.05 -16.26
CA GLY B 260 13.21 -32.04 -16.88
C GLY B 260 13.48 -31.82 -18.35
N VAL B 261 13.57 -30.58 -18.78
CA VAL B 261 13.80 -30.26 -20.18
C VAL B 261 15.20 -29.69 -20.29
N GLU B 262 15.91 -30.14 -21.31
CA GLU B 262 17.29 -29.72 -21.49
C GLU B 262 17.34 -28.27 -21.95
N SER B 263 18.39 -27.59 -21.54
CA SER B 263 18.55 -26.18 -21.92
C SER B 263 19.23 -26.07 -23.28
N THR B 264 18.54 -26.58 -24.32
CA THR B 264 18.99 -26.48 -25.70
C THR B 264 17.88 -25.92 -26.59
N SER B 265 18.28 -25.25 -27.69
CA SER B 265 17.33 -24.77 -28.68
C SER B 265 16.45 -25.89 -29.21
N GLN B 266 17.02 -27.08 -29.35
CA GLN B 266 16.28 -28.25 -29.80
C GLN B 266 15.16 -28.61 -28.83
N ALA B 267 15.47 -28.71 -27.54
CA ALA B 267 14.47 -29.14 -26.56
C ALA B 267 13.37 -28.10 -26.37
N VAL B 268 13.71 -26.81 -26.32
CA VAL B 268 12.67 -25.80 -26.14
C VAL B 268 11.75 -25.78 -27.36
N GLY B 269 12.30 -25.98 -28.55
CA GLY B 269 11.45 -26.05 -29.72
C GLY B 269 10.47 -27.21 -29.64
N GLU B 270 10.94 -28.35 -29.15
CA GLU B 270 10.06 -29.49 -29.00
C GLU B 270 9.00 -29.23 -27.93
N PHE B 271 9.34 -28.40 -26.95
CA PHE B 271 8.39 -28.07 -25.89
C PHE B 271 7.19 -27.33 -26.45
N PHE B 272 7.43 -26.32 -27.29
CA PHE B 272 6.33 -25.65 -27.96
C PHE B 272 5.75 -26.51 -29.07
N GLY B 273 6.60 -27.27 -29.76
CA GLY B 273 6.15 -28.24 -30.75
C GLY B 273 5.68 -27.60 -32.06
N ALA B 274 5.36 -28.47 -33.00
CA ALA B 274 4.99 -28.07 -34.36
C ALA B 274 3.47 -27.97 -34.51
N ARG B 275 3.01 -26.88 -35.13
CA ARG B 275 1.57 -26.74 -35.43
C ARG B 275 1.11 -27.82 -36.40
N ALA B 276 1.98 -28.26 -37.31
CA ALA B 276 1.65 -29.40 -38.16
C ALA B 276 1.34 -30.64 -37.32
N GLY B 277 1.93 -30.72 -36.12
CA GLY B 277 1.64 -31.79 -35.18
C GLY B 277 0.55 -31.38 -34.22
N THR B 278 0.84 -31.38 -32.91
CA THR B 278 -0.08 -30.83 -31.92
C THR B 278 0.51 -29.63 -31.19
N GLY B 279 1.58 -29.04 -31.72
CA GLY B 279 2.28 -27.97 -31.05
C GLY B 279 1.85 -26.60 -31.55
N LEU B 280 2.72 -25.62 -31.36
CA LEU B 280 2.34 -24.24 -31.59
C LEU B 280 3.16 -23.53 -32.66
N LEU B 281 4.25 -24.10 -33.13
CA LEU B 281 5.19 -23.37 -33.96
C LEU B 281 5.02 -23.66 -35.45
N ASP B 282 5.07 -22.60 -36.26
CA ASP B 282 5.39 -22.71 -37.67
C ASP B 282 6.85 -22.45 -37.94
N GLY B 283 7.44 -21.53 -37.18
CA GLY B 283 8.85 -21.23 -37.32
C GLY B 283 9.51 -21.15 -35.96
N TRP B 284 10.84 -21.31 -35.97
CA TRP B 284 11.62 -21.34 -34.73
C TRP B 284 12.97 -20.73 -35.03
N LEU B 285 13.26 -19.59 -34.42
CA LEU B 285 14.54 -18.93 -34.66
C LEU B 285 15.51 -19.24 -33.53
N VAL B 286 16.74 -19.62 -33.90
CA VAL B 286 17.81 -19.92 -32.95
C VAL B 286 19.01 -19.02 -33.26
N HIS B 287 19.86 -18.86 -32.25
CA HIS B 287 20.98 -17.92 -32.33
C HIS B 287 22.04 -18.43 -33.30
N GLU B 288 22.70 -17.48 -33.98
CA GLU B 288 23.90 -17.74 -34.77
C GLU B 288 24.76 -18.84 -34.15
N GLY B 289 25.00 -19.90 -34.93
CA GLY B 289 25.84 -20.99 -34.53
C GLY B 289 25.10 -22.16 -33.94
N ASP B 290 23.84 -21.97 -33.56
CA ASP B 290 22.98 -22.97 -32.94
C ASP B 290 22.18 -23.71 -34.01
N HIS B 291 21.54 -24.81 -33.61
CA HIS B 291 20.88 -25.70 -34.56
C HIS B 291 19.68 -26.37 -33.89
N ALA B 292 18.64 -26.59 -34.69
CA ALA B 292 17.51 -27.39 -34.26
C ALA B 292 16.85 -27.96 -35.51
N GLN B 293 16.25 -29.13 -35.35
CA GLN B 293 15.47 -29.72 -36.43
C GLN B 293 14.27 -30.38 -35.80
N ILE B 294 13.09 -29.96 -36.22
CA ILE B 294 11.82 -30.38 -35.66
C ILE B 294 10.89 -30.65 -36.83
N GLU B 295 10.30 -31.84 -36.85
CA GLU B 295 9.43 -32.21 -37.95
C GLU B 295 8.24 -31.27 -38.03
N GLY B 296 8.14 -30.54 -39.15
CA GLY B 296 7.07 -29.60 -39.41
C GLY B 296 7.39 -28.13 -39.19
N VAL B 297 8.61 -27.80 -38.78
CA VAL B 297 8.94 -26.45 -38.31
C VAL B 297 10.08 -25.88 -39.14
N LYS B 298 9.93 -24.63 -39.56
CA LYS B 298 10.99 -23.90 -40.22
C LYS B 298 11.98 -23.36 -39.19
N VAL B 299 13.22 -23.85 -39.24
CA VAL B 299 14.27 -23.44 -38.30
C VAL B 299 15.33 -22.66 -39.06
N LYS B 300 15.72 -21.50 -38.52
CA LYS B 300 16.78 -20.69 -39.09
C LYS B 300 17.63 -20.12 -37.96
N ALA B 301 18.96 -20.22 -38.10
CA ALA B 301 19.85 -19.53 -37.18
C ALA B 301 20.12 -18.11 -37.67
N VAL B 302 19.97 -17.13 -36.77
CA VAL B 302 20.26 -15.72 -37.01
C VAL B 302 20.72 -15.14 -35.66
N PRO B 303 21.38 -13.99 -35.62
CA PRO B 303 21.68 -13.37 -34.31
C PRO B 303 20.40 -13.11 -33.52
N LEU B 304 20.45 -13.42 -32.23
CA LEU B 304 19.30 -13.34 -31.34
C LEU B 304 19.65 -12.68 -30.02
N LEU B 305 20.59 -11.75 -30.03
CA LEU B 305 20.97 -11.03 -28.83
C LEU B 305 20.26 -9.69 -28.85
N MET B 306 19.50 -9.40 -27.80
CA MET B 306 18.77 -8.14 -27.71
C MET B 306 19.71 -7.08 -27.11
N THR B 307 20.78 -6.85 -27.88
CA THR B 307 21.79 -5.91 -27.45
C THR B 307 21.22 -4.51 -27.28
N ASP B 308 20.46 -4.06 -28.26
CA ASP B 308 19.84 -2.74 -28.23
C ASP B 308 18.59 -2.82 -29.09
N PRO B 309 17.73 -1.81 -29.05
CA PRO B 309 16.52 -1.88 -29.89
C PRO B 309 16.83 -2.14 -31.35
N GLU B 310 17.98 -1.69 -31.86
CA GLU B 310 18.25 -1.87 -33.28
C GLU B 310 18.63 -3.32 -33.60
N ALA B 311 19.36 -3.99 -32.71
CA ALA B 311 19.57 -5.42 -32.87
C ALA B 311 18.26 -6.19 -32.74
N THR B 312 17.43 -5.81 -31.77
CA THR B 312 16.15 -6.49 -31.64
C THR B 312 15.28 -6.28 -32.86
N ALA B 313 15.34 -5.08 -33.45
CA ALA B 313 14.63 -4.83 -34.71
C ALA B 313 15.04 -5.81 -35.80
N ALA B 314 16.33 -6.12 -35.91
CA ALA B 314 16.78 -7.10 -36.90
C ALA B 314 16.21 -8.48 -36.58
N MET B 315 16.18 -8.85 -35.29
CA MET B 315 15.59 -10.12 -34.89
C MET B 315 14.11 -10.20 -35.30
N VAL B 316 13.36 -9.14 -35.09
CA VAL B 316 11.97 -9.11 -35.55
C VAL B 316 11.89 -9.29 -37.06
N ARG B 317 12.72 -8.55 -37.79
CA ARG B 317 12.76 -8.63 -39.25
C ARG B 317 13.01 -10.07 -39.71
N ALA B 318 13.94 -10.78 -39.07
CA ALA B 318 14.17 -12.17 -39.43
C ALA B 318 12.92 -13.02 -39.23
N GLY B 319 12.11 -12.71 -38.21
CA GLY B 319 10.89 -13.46 -37.98
C GLY B 319 9.84 -13.23 -39.05
N LEU B 320 9.66 -11.98 -39.46
CA LEU B 320 8.75 -11.71 -40.58
C LEU B 320 9.19 -12.44 -41.84
N ASP B 321 10.49 -12.44 -42.11
CA ASP B 321 10.99 -13.08 -43.34
C ASP B 321 10.71 -14.57 -43.33
N LEU B 322 11.09 -15.25 -42.25
CA LEU B 322 10.85 -16.68 -42.15
C LEU B 322 9.38 -17.02 -42.32
N ALA B 323 8.49 -16.14 -41.86
CA ALA B 323 7.05 -16.36 -42.01
C ALA B 323 6.56 -16.07 -43.43
N GLY B 324 7.19 -15.15 -44.15
CA GLY B 324 6.68 -14.75 -45.44
C GLY B 324 5.71 -13.60 -45.37
N VAL B 325 5.83 -12.74 -44.35
CA VAL B 325 4.92 -11.64 -44.08
C VAL B 325 5.63 -10.33 -44.37
N SER B 326 4.88 -9.34 -44.85
CA SER B 326 5.43 -8.03 -45.14
C SER B 326 4.72 -6.92 -44.36
#